data_8PEC
#
_entry.id   8PEC
#
_cell.length_a   202.147
_cell.length_b   202.147
_cell.length_c   55.699
_cell.angle_alpha   90.000
_cell.angle_beta   90.000
_cell.angle_gamma   120.000
#
_symmetry.space_group_name_H-M   'P 61'
#
loop_
_entity.id
_entity.type
_entity.pdbx_description
1 polymer Beta-lactamase
2 non-polymer 1-({(2R)-2-[(1R)-1-{[(2Z)-2-(2-amino-1,3-thiazol-4-yl)-2-{[(2-carboxypropan-2-yl)oxy]imino}acetyl]amino}-2-oxoethyl]-4-carboxy-3,6-dihydro-2H-1,3-thiazin-5-yl}methyl)pyridinium
3 non-polymer 'CHLORIDE ION'
4 water water
#
_entity_poly.entity_id   1
_entity_poly.type   'polypeptide(L)'
_entity_poly.pdbx_seq_one_letter_code
;EWQENKSWNVHFTEHKSQGVVVLWNENEQQGFTNNLKRANQAFLPASTLKIPNSLIALDLGVVKDEHQVFKWDGQTRDIA
TWNRDHNLITAMKYSVVPVYQEFARQIGEARMSKMLHAFDYGNEDISGNVDSFWLDGGIRISATEQISFLRKLYHNKLHV
SERSQRIVKQAMLTEANGDYIIRAKTGYAARIEPKIGWWVGWVELDDNVWFFAMNMDMPTSDGLGLRQAITKEVLKQEKI
IP
;
_entity_poly.pdbx_strand_id   A,B,C,D
#
# COMPACT_ATOMS: atom_id res chain seq x y z
N GLU A 1 30.26 -29.48 20.01
CA GLU A 1 28.97 -29.10 19.40
C GLU A 1 27.78 -29.48 20.29
N TRP A 2 27.87 -30.65 20.93
CA TRP A 2 26.93 -31.08 21.96
C TRP A 2 27.74 -31.60 23.14
N GLN A 3 27.71 -30.91 24.27
CA GLN A 3 28.53 -31.28 25.41
C GLN A 3 27.67 -31.67 26.59
N GLU A 4 28.21 -32.52 27.47
CA GLU A 4 27.48 -33.06 28.61
C GLU A 4 28.06 -32.49 29.92
N ASN A 5 27.35 -31.52 30.50
CA ASN A 5 27.68 -31.05 31.84
C ASN A 5 26.91 -31.96 32.80
N LYS A 6 27.55 -33.05 33.21
CA LYS A 6 26.88 -34.00 34.08
C LYS A 6 26.54 -33.39 35.44
N SER A 7 27.24 -32.33 35.85
CA SER A 7 26.99 -31.76 37.17
C SER A 7 25.58 -31.24 37.33
N TRP A 8 24.83 -31.04 36.24
CA TRP A 8 23.44 -30.62 36.38
C TRP A 8 22.56 -31.68 37.02
N ASN A 9 23.01 -32.94 37.06
CA ASN A 9 22.14 -33.99 37.59
C ASN A 9 21.77 -33.75 39.05
N VAL A 10 22.64 -33.05 39.80
CA VAL A 10 22.30 -32.78 41.20
C VAL A 10 20.96 -32.07 41.28
N HIS A 11 20.59 -31.31 40.24
CA HIS A 11 19.32 -30.59 40.29
C HIS A 11 18.14 -31.55 40.16
N PHE A 12 18.29 -32.62 39.38
CA PHE A 12 17.22 -33.62 39.33
C PHE A 12 17.15 -34.41 40.62
N THR A 13 18.28 -34.95 41.07
CA THR A 13 18.32 -35.72 42.30
C THR A 13 17.81 -34.91 43.49
N GLU A 14 18.12 -33.60 43.54
CA GLU A 14 17.72 -32.80 44.69
C GLU A 14 16.22 -32.80 44.91
N HIS A 15 15.45 -33.03 43.83
CA HIS A 15 14.02 -33.27 43.94
C HIS A 15 13.67 -34.72 43.64
N LYS A 16 14.65 -35.62 43.82
CA LYS A 16 14.51 -37.03 43.47
C LYS A 16 13.67 -37.17 42.21
N SER A 17 14.14 -36.50 41.16
CA SER A 17 13.55 -36.57 39.83
C SER A 17 14.62 -37.02 38.86
N GLN A 18 14.17 -37.31 37.64
CA GLN A 18 15.07 -37.71 36.58
C GLN A 18 14.58 -37.07 35.30
N GLY A 19 15.50 -36.49 34.55
CA GLY A 19 15.13 -35.83 33.33
C GLY A 19 16.37 -35.40 32.58
N VAL A 20 16.14 -34.64 31.53
CA VAL A 20 17.22 -34.03 30.79
C VAL A 20 16.95 -32.53 30.71
N VAL A 21 18.03 -31.75 30.70
CA VAL A 21 17.98 -30.36 30.33
C VAL A 21 18.94 -30.17 29.18
N VAL A 22 18.48 -29.45 28.17
CA VAL A 22 19.25 -29.22 26.96
C VAL A 22 19.26 -27.72 26.73
N LEU A 23 20.46 -27.13 26.72
CA LEU A 23 20.65 -25.72 26.45
C LEU A 23 21.43 -25.52 25.15
N TRP A 24 21.04 -24.52 24.37
CA TRP A 24 21.76 -24.13 23.17
C TRP A 24 22.15 -22.66 23.27
N ASN A 25 23.47 -22.42 23.37
CA ASN A 25 23.99 -21.06 23.33
C ASN A 25 23.97 -20.58 21.88
N GLU A 26 23.22 -19.52 21.63
CA GLU A 26 23.02 -19.13 20.24
C GLU A 26 24.27 -18.47 19.66
N ASN A 27 24.78 -17.42 20.31
CA ASN A 27 25.93 -16.68 19.77
C ASN A 27 27.12 -17.60 19.55
N GLU A 28 27.28 -18.59 20.42
CA GLU A 28 28.43 -19.48 20.33
C GLU A 28 28.12 -20.77 19.58
N GLN A 29 26.87 -20.99 19.18
CA GLN A 29 26.53 -22.13 18.36
C GLN A 29 27.02 -23.44 19.00
N GLN A 30 26.83 -23.56 20.32
CA GLN A 30 27.30 -24.73 21.05
C GLN A 30 26.25 -25.12 22.09
N GLY A 31 26.00 -26.42 22.20
CA GLY A 31 24.91 -26.90 23.02
C GLY A 31 25.30 -27.76 24.22
N PHE A 32 24.40 -27.88 25.20
CA PHE A 32 24.76 -28.48 26.47
C PHE A 32 23.58 -29.26 27.06
N THR A 33 23.89 -30.44 27.61
CA THR A 33 22.92 -31.32 28.24
C THR A 33 23.55 -31.98 29.46
N ASN A 34 22.71 -32.45 30.37
CA ASN A 34 23.19 -33.32 31.46
C ASN A 34 23.19 -34.80 31.07
N ASN A 35 22.66 -35.15 29.89
CA ASN A 35 22.51 -36.54 29.49
C ASN A 35 22.48 -36.61 27.96
N LEU A 36 23.62 -36.96 27.35
CA LEU A 36 23.69 -37.05 25.89
C LEU A 36 22.63 -38.03 25.35
N LYS A 37 22.45 -39.17 26.02
CA LYS A 37 21.46 -40.16 25.56
C LYS A 37 20.04 -39.59 25.58
N ARG A 38 19.57 -39.16 26.76
CA ARG A 38 18.16 -38.79 26.86
C ARG A 38 17.85 -37.50 26.10
N ALA A 39 18.85 -36.64 25.88
CA ALA A 39 18.62 -35.44 25.04
C ALA A 39 18.06 -35.83 23.68
N ASN A 40 18.68 -36.81 23.02
CA ASN A 40 18.27 -37.20 21.68
C ASN A 40 17.19 -38.28 21.68
N GLN A 41 16.70 -38.70 22.85
CA GLN A 41 15.62 -39.67 22.92
C GLN A 41 14.29 -38.99 22.59
N ALA A 42 13.50 -39.62 21.72
CA ALA A 42 12.26 -39.04 21.24
C ALA A 42 11.10 -39.41 22.15
N PHE A 43 10.19 -38.45 22.33
CA PHE A 43 9.03 -38.55 23.20
C PHE A 43 7.84 -37.91 22.52
N LEU A 44 6.65 -38.26 23.00
CA LEU A 44 5.46 -37.54 22.57
C LEU A 44 5.63 -36.07 22.90
N PRO A 45 5.24 -35.17 21.99
CA PRO A 45 5.46 -33.74 22.22
C PRO A 45 4.37 -33.09 23.08
N ALA A 46 3.59 -33.87 23.83
CA ALA A 46 2.16 -33.60 23.92
C ALA A 46 1.80 -32.11 23.81
N SER A 47 1.96 -31.31 24.85
CA SER A 47 1.39 -29.98 24.69
C SER A 47 2.34 -29.02 23.99
N THR A 48 3.63 -29.41 23.82
CA THR A 48 4.59 -28.59 23.08
C THR A 48 4.28 -28.55 21.60
N LEU A 49 3.43 -29.44 21.14
CA LEU A 49 2.92 -29.37 19.80
C LEU A 49 2.03 -28.16 19.56
N LYS A 50 1.58 -27.47 20.62
CA LYS A 50 0.72 -26.33 20.39
C LYS A 50 1.46 -25.20 19.68
N ILE A 51 2.79 -25.22 19.66
CA ILE A 51 3.52 -24.17 18.96
C ILE A 51 3.32 -24.32 17.45
N PRO A 52 3.82 -25.39 16.84
CA PRO A 52 3.53 -25.58 15.42
C PRO A 52 2.04 -25.60 15.12
N ASN A 53 1.21 -26.18 16.00
CA ASN A 53 -0.23 -26.21 15.74
C ASN A 53 -0.79 -24.80 15.59
N SER A 54 -0.36 -23.90 16.47
CA SER A 54 -0.76 -22.49 16.40
C SER A 54 -0.29 -21.85 15.09
N LEU A 55 0.98 -22.09 14.72
CA LEU A 55 1.50 -21.63 13.42
C LEU A 55 0.58 -22.06 12.29
N ILE A 56 0.25 -23.34 12.23
CA ILE A 56 -0.56 -23.84 11.13
C ILE A 56 -1.96 -23.22 11.18
N ALA A 57 -2.54 -23.09 12.37
CA ALA A 57 -3.91 -22.57 12.44
C ALA A 57 -3.97 -21.12 12.03
N LEU A 58 -2.95 -20.33 12.42
CA LEU A 58 -2.86 -18.94 11.99
C LEU A 58 -2.66 -18.84 10.50
N ASP A 59 -1.66 -19.57 9.99
CA ASP A 59 -1.25 -19.40 8.61
C ASP A 59 -2.29 -19.89 7.63
N LEU A 60 -3.20 -20.77 8.04
CA LEU A 60 -4.34 -21.10 7.18
C LEU A 60 -5.57 -20.26 7.49
N GLY A 61 -5.50 -19.33 8.45
CA GLY A 61 -6.61 -18.43 8.66
C GLY A 61 -7.73 -18.97 9.52
N VAL A 62 -7.55 -20.15 10.11
CA VAL A 62 -8.57 -20.70 11.01
C VAL A 62 -8.68 -19.83 12.27
N VAL A 63 -7.55 -19.35 12.78
CA VAL A 63 -7.52 -18.32 13.81
C VAL A 63 -7.20 -17.00 13.14
N LYS A 64 -8.09 -16.01 13.27
CA LYS A 64 -7.83 -14.70 12.68
C LYS A 64 -6.71 -13.97 13.41
N ASP A 65 -6.72 -13.96 14.74
CA ASP A 65 -5.62 -13.39 15.50
C ASP A 65 -5.70 -13.84 16.95
N GLU A 66 -4.75 -13.33 17.75
CA GLU A 66 -4.61 -13.64 19.16
C GLU A 66 -5.76 -13.12 20.01
N HIS A 67 -6.62 -12.28 19.44
CA HIS A 67 -7.77 -11.76 20.17
C HIS A 67 -9.00 -12.61 19.98
N GLN A 68 -9.08 -13.34 18.88
CA GLN A 68 -10.30 -14.04 18.53
C GLN A 68 -10.72 -14.99 19.65
N VAL A 69 -12.00 -14.95 20.02
CA VAL A 69 -12.52 -15.76 21.11
C VAL A 69 -13.01 -17.11 20.59
N PHE A 70 -12.52 -18.17 21.21
CA PHE A 70 -13.04 -19.51 21.01
C PHE A 70 -13.91 -19.84 22.21
N LYS A 71 -15.23 -19.75 22.00
CA LYS A 71 -16.19 -19.95 23.09
C LYS A 71 -16.11 -21.36 23.65
N TRP A 72 -16.33 -21.46 24.95
CA TRP A 72 -16.28 -22.74 25.65
C TRP A 72 -17.51 -23.55 25.29
N ASP A 73 -17.31 -24.82 24.92
CA ASP A 73 -18.43 -25.61 24.39
C ASP A 73 -19.49 -25.90 25.43
N GLY A 74 -19.14 -25.92 26.71
CA GLY A 74 -20.10 -26.15 27.77
C GLY A 74 -19.85 -27.39 28.59
N GLN A 75 -18.92 -28.26 28.18
CA GLN A 75 -18.60 -29.47 28.92
C GLN A 75 -17.65 -29.12 30.06
N THR A 76 -18.11 -29.36 31.28
CA THR A 76 -17.33 -29.05 32.47
C THR A 76 -16.26 -30.13 32.63
N ARG A 77 -15.14 -29.94 31.94
CA ARG A 77 -14.05 -30.89 32.00
C ARG A 77 -13.34 -30.80 33.35
N ASP A 78 -12.52 -31.82 33.59
CA ASP A 78 -11.85 -31.93 34.88
C ASP A 78 -11.03 -30.70 35.18
N ILE A 79 -10.30 -30.19 34.19
CA ILE A 79 -9.37 -29.08 34.36
C ILE A 79 -10.13 -27.77 34.27
N ALA A 80 -10.17 -27.03 35.39
CA ALA A 80 -11.05 -25.88 35.54
C ALA A 80 -10.73 -24.75 34.57
N THR A 81 -9.46 -24.52 34.27
CA THR A 81 -9.11 -23.38 33.41
C THR A 81 -9.49 -23.61 31.96
N TRP A 82 -9.88 -24.83 31.62
CA TRP A 82 -10.44 -25.06 30.30
C TRP A 82 -11.89 -24.61 30.21
N ASN A 83 -12.61 -24.57 31.34
CA ASN A 83 -14.06 -24.39 31.28
C ASN A 83 -14.41 -22.91 31.18
N ARG A 84 -13.99 -22.32 30.04
CA ARG A 84 -14.19 -20.90 29.78
C ARG A 84 -13.73 -20.50 28.40
N ASP A 85 -14.33 -19.44 27.87
CA ASP A 85 -13.86 -18.86 26.61
C ASP A 85 -12.38 -18.53 26.69
N HIS A 86 -11.65 -18.80 25.62
CA HIS A 86 -10.22 -18.50 25.53
C HIS A 86 -9.94 -17.83 24.22
N ASN A 87 -8.74 -17.27 24.11
CA ASN A 87 -8.19 -16.84 22.82
C ASN A 87 -6.80 -17.43 22.67
N LEU A 88 -6.14 -17.12 21.55
CA LEU A 88 -4.90 -17.84 21.28
C LEU A 88 -3.93 -17.71 22.44
N ILE A 89 -3.87 -16.53 23.04
CA ILE A 89 -2.93 -16.34 24.14
C ILE A 89 -3.35 -17.14 25.38
N THR A 90 -4.61 -17.06 25.79
CA THR A 90 -5.01 -17.82 26.98
C THR A 90 -5.09 -19.31 26.71
N ALA A 91 -5.45 -19.70 25.47
CA ALA A 91 -5.44 -21.10 25.10
C ALA A 91 -4.05 -21.70 25.26
N MET A 92 -3.04 -20.96 24.87
CA MET A 92 -1.67 -21.44 24.99
C MET A 92 -1.23 -21.46 26.44
N LYS A 93 -1.57 -20.41 27.20
CA LYS A 93 -1.12 -20.31 28.59
C LYS A 93 -1.70 -21.44 29.43
N TYR A 94 -2.94 -21.81 29.17
CA TYR A 94 -3.58 -22.88 29.95
C TYR A 94 -3.59 -24.22 29.23
N SER A 95 -2.88 -24.33 28.09
CA SER A 95 -2.71 -25.62 27.43
C SER A 95 -4.06 -26.24 27.12
N VAL A 96 -4.98 -25.42 26.61
CA VAL A 96 -6.38 -25.84 26.48
C VAL A 96 -6.55 -26.81 25.31
N VAL A 97 -6.43 -28.10 25.63
CA VAL A 97 -6.45 -29.13 24.60
C VAL A 97 -7.72 -29.06 23.73
N PRO A 98 -8.92 -28.93 24.28
CA PRO A 98 -10.12 -28.93 23.42
C PRO A 98 -10.17 -27.77 22.43
N VAL A 99 -9.59 -26.61 22.75
CA VAL A 99 -9.55 -25.50 21.81
C VAL A 99 -8.76 -25.90 20.57
N TYR A 100 -7.65 -26.60 20.78
CA TYR A 100 -6.80 -26.99 19.67
C TYR A 100 -7.39 -28.13 18.88
N GLN A 101 -8.17 -28.98 19.52
CA GLN A 101 -8.85 -30.04 18.79
C GLN A 101 -9.81 -29.46 17.77
N GLU A 102 -10.54 -28.40 18.13
CA GLU A 102 -11.39 -27.77 17.14
C GLU A 102 -10.58 -27.17 16.01
N PHE A 103 -9.37 -26.65 16.30
CA PHE A 103 -8.44 -26.27 15.23
C PHE A 103 -8.20 -27.43 14.29
N ALA A 104 -7.80 -28.58 14.84
CA ALA A 104 -7.53 -29.76 14.03
C ALA A 104 -8.74 -30.12 13.16
N ARG A 105 -9.91 -30.33 13.79
CA ARG A 105 -11.10 -30.67 13.01
C ARG A 105 -11.27 -29.70 11.86
N GLN A 106 -10.94 -28.44 12.09
CA GLN A 106 -11.11 -27.43 11.06
C GLN A 106 -10.09 -27.61 9.93
N ILE A 107 -8.84 -27.89 10.29
CA ILE A 107 -7.75 -27.87 9.32
C ILE A 107 -7.69 -29.16 8.51
N GLY A 108 -7.85 -30.28 9.19
CA GLY A 108 -7.78 -31.58 8.56
C GLY A 108 -6.48 -32.25 8.91
N GLU A 109 -6.54 -33.55 9.19
CA GLU A 109 -5.32 -34.32 9.39
C GLU A 109 -4.35 -34.14 8.23
N ALA A 110 -4.86 -33.94 7.01
CA ALA A 110 -4.02 -33.81 5.84
C ALA A 110 -3.14 -32.56 5.92
N ARG A 111 -3.74 -31.37 5.90
CA ARG A 111 -2.91 -30.17 5.91
C ARG A 111 -2.06 -30.09 7.17
N MET A 112 -2.57 -30.60 8.29
CA MET A 112 -1.80 -30.60 9.53
C MET A 112 -0.51 -31.40 9.38
N SER A 113 -0.58 -32.60 8.83
CA SER A 113 0.61 -33.43 8.65
C SER A 113 1.58 -32.80 7.68
N LYS A 114 1.06 -32.34 6.54
CA LYS A 114 1.94 -31.83 5.48
C LYS A 114 2.82 -30.71 6.04
N MET A 115 2.18 -29.72 6.66
CA MET A 115 2.89 -28.59 7.25
C MET A 115 3.89 -29.04 8.31
N LEU A 116 3.39 -29.79 9.29
CA LEU A 116 4.25 -30.35 10.32
C LEU A 116 5.44 -31.06 9.71
N HIS A 117 5.28 -31.61 8.51
CA HIS A 117 6.40 -32.19 7.82
C HIS A 117 7.25 -31.14 7.09
N ALA A 118 6.70 -29.95 6.82
CA ALA A 118 7.48 -28.84 6.26
C ALA A 118 8.23 -28.09 7.35
N PHE A 119 7.80 -28.26 8.61
CA PHE A 119 8.53 -27.79 9.77
C PHE A 119 9.64 -28.75 10.17
N ASP A 120 9.69 -29.94 9.59
CA ASP A 120 10.70 -30.92 9.92
C ASP A 120 10.63 -31.30 11.40
N TYR A 121 9.41 -31.51 11.89
CA TYR A 121 9.18 -31.58 13.34
C TYR A 121 9.53 -32.93 13.96
N GLY A 122 8.76 -33.98 13.66
CA GLY A 122 8.90 -35.23 14.39
C GLY A 122 9.81 -36.26 13.77
N ASN A 123 9.43 -37.53 13.83
CA ASN A 123 10.21 -38.57 13.18
C ASN A 123 9.85 -38.59 11.71
N GLY A 138 2.20 -41.51 18.13
CA GLY A 138 2.96 -41.98 16.98
C GLY A 138 3.87 -40.92 16.38
N ILE A 139 3.74 -39.70 16.88
CA ILE A 139 4.54 -38.55 16.45
C ILE A 139 5.43 -38.14 17.62
N ARG A 140 6.75 -38.14 17.39
CA ARG A 140 7.71 -38.03 18.47
C ARG A 140 8.83 -37.07 18.13
N ILE A 141 9.40 -36.48 19.17
CA ILE A 141 10.43 -35.46 19.04
C ILE A 141 11.32 -35.51 20.27
N SER A 142 12.64 -35.41 20.05
CA SER A 142 13.65 -35.37 21.08
C SER A 142 13.80 -33.95 21.63
N ALA A 143 14.49 -33.83 22.78
CA ALA A 143 14.73 -32.49 23.34
C ALA A 143 15.64 -31.67 22.41
N THR A 144 16.70 -32.28 21.89
CA THR A 144 17.56 -31.57 20.93
C THR A 144 16.78 -31.17 19.68
N GLU A 145 15.84 -32.01 19.25
CA GLU A 145 15.00 -31.70 18.10
C GLU A 145 14.10 -30.50 18.37
N GLN A 146 13.59 -30.36 19.59
CA GLN A 146 12.78 -29.19 19.89
C GLN A 146 13.59 -27.91 19.65
N ILE A 147 14.85 -27.91 20.09
CA ILE A 147 15.68 -26.72 19.94
C ILE A 147 15.82 -26.34 18.46
N SER A 148 16.13 -27.33 17.60
CA SER A 148 16.31 -27.03 16.18
C SER A 148 15.09 -26.32 15.62
N PHE A 149 13.90 -26.79 16.01
CA PHE A 149 12.65 -26.20 15.54
C PHE A 149 12.47 -24.80 16.12
N LEU A 150 12.75 -24.64 17.41
CA LEU A 150 12.59 -23.35 18.07
C LEU A 150 13.53 -22.33 17.48
N ARG A 151 14.77 -22.73 17.21
CA ARG A 151 15.71 -21.82 16.57
C ARG A 151 15.23 -21.36 15.21
N LYS A 152 14.40 -22.14 14.53
CA LYS A 152 13.91 -21.68 13.24
C LYS A 152 12.71 -20.78 13.41
N LEU A 153 11.91 -21.02 14.44
CA LEU A 153 10.83 -20.09 14.76
C LEU A 153 11.39 -18.76 15.25
N TYR A 154 12.35 -18.82 16.17
CA TYR A 154 12.96 -17.59 16.64
C TYR A 154 13.45 -16.75 15.46
N HIS A 155 14.03 -17.40 14.47
CA HIS A 155 14.58 -16.72 13.31
C HIS A 155 13.59 -16.56 12.16
N ASN A 156 12.32 -16.85 12.40
CA ASN A 156 11.33 -16.55 11.37
C ASN A 156 11.58 -17.36 10.09
N LYS A 157 12.18 -18.55 10.20
CA LYS A 157 12.60 -19.32 9.04
C LYS A 157 11.73 -20.54 8.75
N LEU A 158 10.67 -20.80 9.51
CA LEU A 158 9.77 -21.90 9.18
C LEU A 158 8.93 -21.55 7.96
N HIS A 159 8.46 -22.58 7.26
CA HIS A 159 7.68 -22.34 6.06
C HIS A 159 6.24 -21.94 6.33
N VAL A 160 6.06 -20.83 7.03
CA VAL A 160 4.77 -20.18 7.23
C VAL A 160 5.04 -18.68 7.20
N SER A 161 3.98 -17.87 7.16
CA SER A 161 4.19 -16.43 7.06
C SER A 161 4.94 -15.89 8.27
N GLU A 162 5.48 -14.68 8.10
CA GLU A 162 6.17 -14.03 9.21
C GLU A 162 5.18 -13.62 10.30
N ARG A 163 4.03 -13.08 9.89
CA ARG A 163 2.99 -12.72 10.84
C ARG A 163 2.67 -13.90 11.73
N SER A 164 2.46 -15.08 11.13
CA SER A 164 2.17 -16.28 11.91
C SER A 164 3.21 -16.51 12.99
N GLN A 165 4.50 -16.47 12.61
CA GLN A 165 5.56 -16.81 13.56
C GLN A 165 5.69 -15.75 14.63
N ARG A 166 5.52 -14.47 14.27
CA ARG A 166 5.53 -13.43 15.30
C ARG A 166 4.43 -13.68 16.34
N ILE A 167 3.20 -13.87 15.88
CA ILE A 167 2.07 -13.96 16.79
C ILE A 167 2.22 -15.16 17.70
N VAL A 168 2.73 -16.29 17.19
CA VAL A 168 2.96 -17.42 18.08
C VAL A 168 4.01 -17.05 19.12
N LYS A 169 5.09 -16.38 18.70
CA LYS A 169 6.11 -15.96 19.66
C LYS A 169 5.55 -15.00 20.71
N GLN A 170 4.58 -14.17 20.35
CA GLN A 170 3.90 -13.39 21.37
C GLN A 170 3.14 -14.30 22.35
N ALA A 171 2.42 -15.29 21.83
CA ALA A 171 1.60 -16.17 22.64
C ALA A 171 2.41 -17.08 23.56
N MET A 172 3.68 -17.35 23.25
CA MET A 172 4.58 -18.11 24.11
C MET A 172 5.16 -17.30 25.25
N LEU A 173 4.90 -16.01 25.29
CA LEU A 173 5.54 -15.19 26.30
C LEU A 173 5.16 -15.72 27.67
N THR A 174 6.16 -15.98 28.49
CA THR A 174 5.89 -16.55 29.80
C THR A 174 6.24 -15.62 30.95
N GLU A 175 7.38 -14.93 30.85
CA GLU A 175 7.96 -14.21 31.96
C GLU A 175 8.94 -13.18 31.40
N ALA A 176 8.92 -11.97 31.96
CA ALA A 176 9.80 -10.92 31.49
C ALA A 176 10.00 -9.89 32.59
N ASN A 177 11.24 -9.44 32.72
CA ASN A 177 11.62 -8.42 33.68
C ASN A 177 12.63 -7.53 32.98
N GLY A 178 13.36 -6.72 33.73
CA GLY A 178 14.47 -5.98 33.14
C GLY A 178 15.75 -6.78 32.95
N ASP A 179 15.78 -8.06 33.32
CA ASP A 179 16.94 -8.90 33.10
C ASP A 179 16.78 -9.85 31.92
N TYR A 180 15.59 -10.42 31.73
CA TYR A 180 15.44 -11.48 30.73
C TYR A 180 13.98 -11.62 30.34
N ILE A 181 13.77 -12.27 29.20
CA ILE A 181 12.47 -12.62 28.66
C ILE A 181 12.49 -14.11 28.35
N ILE A 182 11.43 -14.82 28.72
CA ILE A 182 11.31 -16.25 28.50
C ILE A 182 10.06 -16.50 27.65
N ARG A 183 10.25 -17.23 26.55
CA ARG A 183 9.15 -17.69 25.70
C ARG A 183 9.24 -19.21 25.66
N ALA A 184 8.15 -19.87 26.03
CA ALA A 184 8.19 -21.33 26.19
C ALA A 184 6.79 -21.90 26.13
N LYS A 185 6.72 -23.24 26.07
CA LYS A 185 5.48 -23.96 26.16
C LYS A 185 5.73 -25.22 26.99
N THR A 186 4.79 -25.57 27.87
CA THR A 186 4.89 -26.80 28.64
C THR A 186 4.18 -27.96 27.95
N GLY A 187 4.60 -29.15 28.30
CA GLY A 187 3.88 -30.36 27.93
C GLY A 187 3.66 -31.25 29.14
N TYR A 188 2.48 -31.82 29.23
CA TYR A 188 2.20 -32.87 30.19
C TYR A 188 1.60 -34.04 29.43
N ALA A 189 2.30 -35.19 29.45
CA ALA A 189 1.85 -36.40 28.76
C ALA A 189 1.75 -37.55 29.75
N ALA A 190 0.62 -38.24 29.77
CA ALA A 190 0.51 -39.34 30.71
C ALA A 190 0.11 -40.67 30.06
N ARG A 191 -0.62 -40.63 28.93
CA ARG A 191 -1.38 -41.81 28.51
C ARG A 191 -0.56 -43.10 28.50
N ILE A 192 0.63 -43.07 27.92
CA ILE A 192 1.53 -44.21 27.93
C ILE A 192 2.74 -43.85 28.80
N GLU A 193 3.55 -44.89 29.15
CA GLU A 193 4.58 -44.70 30.16
C GLU A 193 5.95 -44.42 29.53
N PRO A 194 6.78 -43.63 30.22
CA PRO A 194 6.34 -43.03 31.50
C PRO A 194 5.48 -41.81 31.29
N LYS A 195 4.95 -41.27 32.38
CA LYS A 195 4.27 -39.99 32.37
C LYS A 195 5.33 -38.93 32.53
N ILE A 196 5.51 -38.09 31.52
CA ILE A 196 6.65 -37.19 31.48
C ILE A 196 6.21 -35.76 31.23
N GLY A 197 7.04 -34.82 31.73
CA GLY A 197 6.78 -33.41 31.59
C GLY A 197 7.75 -32.78 30.59
N TRP A 198 7.30 -31.71 29.94
CA TRP A 198 8.11 -30.95 29.00
C TRP A 198 8.23 -29.50 29.45
N TRP A 199 9.36 -28.89 29.10
CA TRP A 199 9.47 -27.44 29.01
C TRP A 199 10.50 -27.11 27.94
N VAL A 200 10.06 -26.38 26.91
CA VAL A 200 10.88 -25.99 25.76
C VAL A 200 10.67 -24.50 25.50
N GLY A 201 11.72 -23.81 25.07
CA GLY A 201 11.60 -22.37 24.85
C GLY A 201 12.94 -21.73 24.60
N TRP A 202 13.01 -20.43 24.85
CA TRP A 202 14.31 -19.74 24.93
C TRP A 202 14.23 -18.56 25.88
N VAL A 203 15.40 -18.05 26.23
CA VAL A 203 15.53 -16.87 27.09
C VAL A 203 16.31 -15.82 26.30
N GLU A 204 15.71 -14.64 26.18
CA GLU A 204 16.22 -13.54 25.38
C GLU A 204 17.03 -12.63 26.29
N LEU A 205 18.35 -12.66 26.14
CA LEU A 205 19.24 -11.75 26.85
C LEU A 205 19.45 -10.48 26.05
N ASP A 206 20.10 -9.51 26.69
CA ASP A 206 20.41 -8.27 26.00
C ASP A 206 21.08 -8.53 24.66
N ASP A 207 22.10 -9.38 24.64
CA ASP A 207 22.88 -9.58 23.42
C ASP A 207 23.08 -11.07 23.12
N ASN A 208 22.17 -11.92 23.55
CA ASN A 208 22.24 -13.34 23.21
C ASN A 208 20.86 -13.92 23.39
N VAL A 209 20.65 -15.13 22.89
CA VAL A 209 19.49 -15.89 23.30
C VAL A 209 19.90 -17.33 23.56
N TRP A 210 19.17 -17.95 24.49
CA TRP A 210 19.47 -19.29 24.99
C TRP A 210 18.24 -20.16 24.80
N PHE A 211 18.34 -21.10 23.86
CA PHE A 211 17.27 -22.06 23.71
C PHE A 211 17.43 -23.18 24.74
N PHE A 212 16.29 -23.73 25.13
CA PHE A 212 16.29 -24.79 26.13
C PHE A 212 15.15 -25.76 25.85
N ALA A 213 15.41 -27.04 26.11
CA ALA A 213 14.38 -28.06 26.04
C ALA A 213 14.65 -29.07 27.13
N MET A 214 13.70 -29.23 28.06
CA MET A 214 13.86 -30.20 29.12
C MET A 214 12.67 -31.15 29.13
N ASN A 215 12.93 -32.43 29.36
CA ASN A 215 11.86 -33.36 29.71
C ASN A 215 12.24 -34.13 30.97
N MET A 216 11.25 -34.69 31.65
CA MET A 216 11.56 -35.45 32.84
C MET A 216 10.43 -36.43 33.16
N ASP A 217 10.70 -37.29 34.14
CA ASP A 217 9.73 -38.27 34.64
C ASP A 217 8.77 -37.58 35.59
N MET A 218 7.48 -37.70 35.31
CA MET A 218 6.44 -37.05 36.10
C MET A 218 5.62 -38.11 36.83
N PRO A 219 6.20 -38.79 37.83
CA PRO A 219 5.46 -39.88 38.49
C PRO A 219 4.14 -39.40 39.06
N THR A 220 4.15 -38.26 39.72
CA THR A 220 2.95 -37.67 40.27
C THR A 220 2.58 -36.42 39.50
N SER A 221 1.35 -35.98 39.69
CA SER A 221 0.94 -34.69 39.13
C SER A 221 1.54 -33.53 39.88
N ASP A 222 1.76 -33.70 41.19
CA ASP A 222 2.27 -32.61 42.02
C ASP A 222 3.55 -32.04 41.44
N GLY A 223 4.40 -32.90 40.90
CA GLY A 223 5.71 -32.47 40.43
C GLY A 223 5.70 -31.53 39.24
N LEU A 224 4.53 -31.03 38.83
CA LEU A 224 4.46 -30.26 37.59
C LEU A 224 5.34 -29.03 37.63
N GLY A 225 5.36 -28.31 38.75
CA GLY A 225 6.13 -27.10 38.81
C GLY A 225 7.63 -27.33 38.83
N LEU A 226 8.05 -28.58 39.01
CA LEU A 226 9.47 -28.89 38.92
C LEU A 226 10.02 -28.77 37.51
N ARG A 227 9.15 -28.66 36.51
CA ARG A 227 9.61 -28.50 35.15
C ARG A 227 10.33 -27.15 34.97
N GLN A 228 9.70 -26.07 35.44
CA GLN A 228 10.34 -24.77 35.37
C GLN A 228 11.40 -24.63 36.43
N ALA A 229 11.14 -25.21 37.60
CA ALA A 229 12.04 -25.05 38.73
C ALA A 229 13.40 -25.66 38.44
N ILE A 230 13.41 -26.88 37.91
CA ILE A 230 14.68 -27.53 37.63
C ILE A 230 15.41 -26.80 36.51
N THR A 231 14.66 -26.28 35.53
CA THR A 231 15.31 -25.57 34.45
C THR A 231 15.97 -24.31 34.98
N LYS A 232 15.22 -23.50 35.73
CA LYS A 232 15.76 -22.24 36.22
C LYS A 232 17.00 -22.45 37.08
N GLU A 233 17.02 -23.50 37.89
CA GLU A 233 18.24 -23.79 38.64
C GLU A 233 19.42 -24.00 37.71
N VAL A 234 19.18 -24.41 36.48
CA VAL A 234 20.30 -24.62 35.56
C VAL A 234 20.66 -23.34 34.83
N LEU A 235 19.65 -22.56 34.45
CA LEU A 235 19.89 -21.21 33.96
C LEU A 235 20.53 -20.35 35.04
N LYS A 236 19.99 -20.42 36.26
CA LYS A 236 20.58 -19.69 37.38
C LYS A 236 22.02 -20.13 37.62
N GLN A 237 22.28 -21.44 37.58
CA GLN A 237 23.62 -21.96 37.77
C GLN A 237 24.54 -21.61 36.62
N GLU A 238 24.01 -21.04 35.54
CA GLU A 238 24.80 -20.82 34.34
C GLU A 238 25.01 -19.35 34.04
N LYS A 239 24.63 -18.44 34.96
CA LYS A 239 24.79 -17.01 34.76
C LYS A 239 23.93 -16.49 33.61
N ILE A 240 22.90 -17.27 33.22
CA ILE A 240 22.01 -16.89 32.14
C ILE A 240 20.90 -15.98 32.66
N ILE A 241 20.28 -16.39 33.77
CA ILE A 241 19.47 -15.48 34.58
C ILE A 241 20.22 -15.26 35.88
N PRO A 242 19.92 -14.18 36.63
CA PRO A 242 20.52 -13.99 37.95
C PRO A 242 20.15 -15.16 38.87
N GLU B 1 -18.03 9.73 32.31
CA GLU B 1 -17.29 8.59 31.78
C GLU B 1 -15.96 8.38 32.51
N TRP B 2 -15.28 9.48 32.82
CA TRP B 2 -14.11 9.44 33.67
C TRP B 2 -14.56 9.70 35.10
N GLN B 3 -14.67 8.66 35.90
CA GLN B 3 -14.88 8.85 37.33
C GLN B 3 -13.59 9.35 37.98
N GLU B 4 -13.75 10.13 39.03
CA GLU B 4 -12.61 10.62 39.80
C GLU B 4 -12.52 9.88 41.12
N ASN B 5 -11.30 9.53 41.52
CA ASN B 5 -11.05 8.74 42.72
C ASN B 5 -10.05 9.52 43.58
N LYS B 6 -10.58 10.42 44.41
CA LYS B 6 -9.72 11.17 45.31
C LYS B 6 -8.86 10.24 46.14
N SER B 7 -9.40 9.08 46.51
CA SER B 7 -8.69 8.15 47.38
C SER B 7 -7.34 7.72 46.84
N TRP B 8 -7.07 7.97 45.55
CA TRP B 8 -5.75 7.70 45.00
C TRP B 8 -4.70 8.73 45.43
N ASN B 9 -5.13 9.96 45.76
CA ASN B 9 -4.18 11.02 46.08
C ASN B 9 -3.26 10.65 47.21
N VAL B 10 -3.68 9.74 48.11
CA VAL B 10 -2.84 9.35 49.24
C VAL B 10 -1.53 8.74 48.74
N HIS B 11 -1.56 8.02 47.63
CA HIS B 11 -0.35 7.41 47.10
C HIS B 11 0.68 8.47 46.69
N PHE B 12 0.22 9.58 46.10
CA PHE B 12 1.16 10.66 45.78
C PHE B 12 1.69 11.32 47.04
N THR B 13 0.82 11.57 48.03
CA THR B 13 1.26 12.25 49.24
C THR B 13 2.09 11.33 50.13
N GLU B 14 1.75 10.03 50.20
CA GLU B 14 2.58 9.07 50.95
C GLU B 14 4.03 9.11 50.48
N HIS B 15 4.25 9.29 49.18
CA HIS B 15 5.56 9.49 48.61
C HIS B 15 5.88 10.95 48.43
N LYS B 16 5.04 11.82 48.98
CA LYS B 16 5.33 13.26 49.05
C LYS B 16 5.62 13.81 47.67
N SER B 17 4.72 13.46 46.73
CA SER B 17 4.80 13.85 45.33
C SER B 17 3.43 14.30 44.84
N GLN B 18 3.44 14.97 43.70
CA GLN B 18 2.21 15.32 43.00
C GLN B 18 2.17 14.65 41.64
N GLY B 19 0.99 14.23 41.21
CA GLY B 19 0.87 13.64 39.89
C GLY B 19 -0.54 13.26 39.54
N VAL B 20 -0.69 12.66 38.38
CA VAL B 20 -1.98 12.19 37.90
C VAL B 20 -1.83 10.73 37.49
N VAL B 21 -2.87 9.95 37.76
CA VAL B 21 -2.96 8.59 37.26
C VAL B 21 -4.28 8.44 36.55
N VAL B 22 -4.23 7.91 35.32
CA VAL B 22 -5.38 7.70 34.46
C VAL B 22 -5.46 6.21 34.12
N LEU B 23 -6.56 5.56 34.51
CA LEU B 23 -6.81 4.18 34.16
C LEU B 23 -7.92 4.11 33.12
N TRP B 24 -7.86 3.11 32.25
CA TRP B 24 -8.92 2.85 31.29
C TRP B 24 -9.25 1.36 31.32
N ASN B 25 -10.47 1.06 31.70
CA ASN B 25 -11.01 -0.30 31.62
C ASN B 25 -11.47 -0.54 30.17
N GLU B 26 -10.78 -1.45 29.47
CA GLU B 26 -11.10 -1.65 28.05
C GLU B 26 -12.44 -2.37 27.89
N ASN B 27 -12.70 -3.44 28.65
CA ASN B 27 -13.99 -4.12 28.53
C ASN B 27 -15.15 -3.21 28.89
N GLU B 28 -15.00 -2.43 29.96
CA GLU B 28 -16.08 -1.57 30.40
C GLU B 28 -16.04 -0.20 29.74
N GLN B 29 -14.84 0.28 29.42
CA GLN B 29 -14.63 1.55 28.74
C GLN B 29 -14.96 2.74 29.65
N GLN B 30 -14.62 2.62 30.92
CA GLN B 30 -14.71 3.74 31.84
C GLN B 30 -13.30 4.19 32.16
N GLY B 31 -13.13 5.50 32.27
CA GLY B 31 -11.89 6.05 32.77
C GLY B 31 -11.95 6.33 34.27
N PHE B 32 -10.79 6.22 34.91
CA PHE B 32 -10.65 6.51 36.33
C PHE B 32 -9.39 7.33 36.52
N THR B 33 -9.50 8.39 37.30
CA THR B 33 -8.38 9.27 37.54
C THR B 33 -8.52 9.89 38.91
N ASN B 34 -7.38 10.34 39.45
CA ASN B 34 -7.37 11.11 40.68
C ASN B 34 -7.56 12.60 40.45
N ASN B 35 -7.36 13.08 39.21
CA ASN B 35 -7.46 14.50 38.91
C ASN B 35 -7.75 14.67 37.43
N LEU B 36 -8.95 15.15 37.10
CA LEU B 36 -9.30 15.28 35.69
C LEU B 36 -8.51 16.39 35.01
N LYS B 37 -8.45 17.57 35.62
CA LYS B 37 -7.91 18.71 34.88
C LYS B 37 -6.47 18.48 34.49
N ARG B 38 -5.71 17.81 35.35
CA ARG B 38 -4.36 17.43 34.97
C ARG B 38 -4.37 16.23 34.04
N ALA B 39 -5.38 15.36 34.17
CA ALA B 39 -5.51 14.27 33.21
C ALA B 39 -5.59 14.82 31.79
N ASN B 40 -6.52 15.76 31.55
CA ASN B 40 -6.61 16.41 30.24
C ASN B 40 -5.55 17.46 30.02
N GLN B 41 -4.58 17.57 30.91
CA GLN B 41 -3.55 18.61 30.81
C GLN B 41 -2.38 18.07 29.99
N ALA B 42 -1.92 18.87 29.03
CA ALA B 42 -0.94 18.43 28.04
C ALA B 42 0.49 18.87 28.40
N PHE B 43 1.43 17.96 28.26
CA PHE B 43 2.84 18.22 28.56
C PHE B 43 3.70 17.67 27.43
N LEU B 44 5.00 17.89 27.55
CA LEU B 44 5.93 17.30 26.61
C LEU B 44 5.94 15.78 26.75
N PRO B 45 6.14 15.05 25.66
CA PRO B 45 5.99 13.59 25.70
C PRO B 45 7.27 12.85 26.12
N ALA B 46 8.24 13.52 26.75
CA ALA B 46 9.65 13.33 26.41
C ALA B 46 9.99 12.00 25.72
N SER B 47 10.04 10.86 26.42
CA SER B 47 10.38 9.62 25.73
C SER B 47 9.18 8.74 25.45
N THR B 48 8.03 9.03 26.05
CA THR B 48 6.83 8.32 25.58
C THR B 48 6.55 8.54 24.11
N LEU B 49 7.31 9.44 23.46
CA LEU B 49 7.23 9.68 22.04
C LEU B 49 8.13 8.75 21.24
N LYS B 50 9.10 8.08 21.88
CA LYS B 50 9.82 7.02 21.19
C LYS B 50 8.90 5.90 20.73
N ILE B 51 7.63 5.89 21.13
CA ILE B 51 6.71 4.86 20.68
C ILE B 51 6.28 5.15 19.25
N PRO B 52 5.63 6.29 19.00
CA PRO B 52 5.22 6.60 17.61
C PRO B 52 6.40 6.78 16.67
N ASN B 53 7.53 7.30 17.20
CA ASN B 53 8.76 7.40 16.42
C ASN B 53 9.18 6.03 15.89
N SER B 54 9.25 5.04 16.77
CA SER B 54 9.64 3.70 16.31
C SER B 54 8.71 3.20 15.23
N LEU B 55 7.41 3.52 15.31
CA LEU B 55 6.49 3.10 14.26
C LEU B 55 6.89 3.70 12.94
N ILE B 56 7.29 4.97 12.97
CA ILE B 56 7.61 5.69 11.74
C ILE B 56 8.96 5.23 11.20
N ALA B 57 9.94 5.02 12.09
CA ALA B 57 11.20 4.47 11.62
C ALA B 57 10.95 3.16 10.88
N LEU B 58 10.20 2.25 11.50
CA LEU B 58 9.91 0.96 10.87
C LEU B 58 9.12 1.13 9.58
N ASP B 59 7.99 1.83 9.63
CA ASP B 59 7.08 1.83 8.48
C ASP B 59 7.65 2.58 7.30
N LEU B 60 8.63 3.44 7.52
CA LEU B 60 9.29 4.13 6.44
C LEU B 60 10.56 3.42 5.99
N GLY B 61 10.91 2.31 6.64
CA GLY B 61 12.11 1.56 6.30
C GLY B 61 13.41 2.17 6.73
N VAL B 62 13.40 3.00 7.78
CA VAL B 62 14.66 3.40 8.41
C VAL B 62 15.18 2.25 9.27
N VAL B 63 14.28 1.40 9.76
CA VAL B 63 14.63 0.26 10.60
C VAL B 63 14.14 -1.01 9.90
N LYS B 64 15.08 -1.89 9.55
CA LYS B 64 14.72 -3.11 8.84
C LYS B 64 13.85 -4.01 9.71
N ASP B 65 14.35 -4.41 10.87
CA ASP B 65 13.63 -5.21 11.86
C ASP B 65 14.21 -4.90 13.25
N GLU B 66 13.71 -5.60 14.28
CA GLU B 66 14.15 -5.46 15.65
C GLU B 66 15.52 -6.05 15.92
N HIS B 67 16.09 -6.77 14.96
CA HIS B 67 17.44 -7.31 15.05
C HIS B 67 18.49 -6.42 14.42
N GLN B 68 18.11 -5.46 13.59
CA GLN B 68 19.11 -4.62 12.97
C GLN B 68 19.89 -3.87 14.03
N VAL B 69 21.22 -3.82 13.86
CA VAL B 69 22.12 -3.21 14.82
C VAL B 69 22.49 -1.80 14.40
N PHE B 70 22.50 -0.89 15.37
CA PHE B 70 22.87 0.51 15.19
C PHE B 70 24.13 0.70 16.01
N LYS B 71 25.28 0.67 15.33
CA LYS B 71 26.53 0.63 16.07
C LYS B 71 26.68 1.89 16.91
N TRP B 72 27.58 1.81 17.87
CA TRP B 72 27.95 2.97 18.65
C TRP B 72 28.85 3.86 17.82
N ASP B 73 28.58 5.17 17.84
CA ASP B 73 29.43 6.12 17.12
C ASP B 73 30.77 6.36 17.80
N GLY B 74 31.05 5.75 18.95
CA GLY B 74 32.35 5.88 19.59
C GLY B 74 32.48 7.02 20.58
N GLN B 75 31.46 7.86 20.74
CA GLN B 75 31.52 9.02 21.62
C GLN B 75 30.98 8.64 23.00
N THR B 76 31.87 8.59 23.99
CA THR B 76 31.41 8.21 25.32
C THR B 76 30.47 9.29 25.85
N ARG B 77 29.23 8.90 26.11
CA ARG B 77 28.25 9.77 26.73
C ARG B 77 28.15 9.43 28.20
N ASP B 78 27.31 10.18 28.92
CA ASP B 78 27.24 10.04 30.36
C ASP B 78 26.23 9.02 30.84
N ILE B 79 25.53 8.35 29.93
CA ILE B 79 24.75 7.16 30.25
C ILE B 79 25.48 5.97 29.65
N ALA B 80 26.02 5.11 30.51
CA ALA B 80 26.86 4.02 30.03
C ALA B 80 26.10 3.04 29.16
N THR B 81 24.83 2.78 29.47
CA THR B 81 24.11 1.86 28.60
C THR B 81 23.99 2.39 27.18
N TRP B 82 24.25 3.68 26.97
CA TRP B 82 24.23 4.29 25.65
C TRP B 82 25.51 4.05 24.88
N ASN B 83 26.57 3.60 25.53
CA ASN B 83 27.87 3.44 24.88
C ASN B 83 28.07 2.00 24.42
N ARG B 84 27.18 1.54 23.53
CA ARG B 84 27.20 0.17 23.04
C ARG B 84 26.34 0.12 21.79
N ASP B 85 26.43 -0.99 21.05
CA ASP B 85 25.51 -1.23 19.95
C ASP B 85 24.12 -1.55 20.49
N HIS B 86 23.13 -1.32 19.63
CA HIS B 86 21.75 -1.43 20.05
C HIS B 86 20.90 -1.87 18.86
N ASN B 87 19.82 -2.57 19.16
CA ASN B 87 18.74 -2.72 18.20
C ASN B 87 17.51 -2.03 18.74
N LEU B 88 16.42 -2.07 17.97
CA LEU B 88 15.24 -1.32 18.37
C LEU B 88 14.76 -1.73 19.74
N ILE B 89 14.94 -3.00 20.09
CA ILE B 89 14.44 -3.50 21.36
C ILE B 89 15.25 -2.95 22.53
N THR B 90 16.59 -3.01 22.41
CA THR B 90 17.44 -2.46 23.47
C THR B 90 17.40 -0.93 23.47
N ALA B 91 17.29 -0.31 22.28
CA ALA B 91 17.20 1.14 22.21
C ALA B 91 15.94 1.65 22.91
N MET B 92 14.80 0.97 22.71
CA MET B 92 13.62 1.33 23.48
C MET B 92 13.89 1.13 24.97
N LYS B 93 14.56 0.01 25.30
CA LYS B 93 14.70 -0.37 26.71
C LYS B 93 15.44 0.70 27.50
N TYR B 94 16.61 1.09 27.04
CA TYR B 94 17.42 2.09 27.71
C TYR B 94 17.18 3.51 27.18
N SER B 95 16.09 3.71 26.43
CA SER B 95 15.71 5.01 25.86
C SER B 95 16.93 5.74 25.27
N VAL B 96 17.51 5.17 24.23
CA VAL B 96 18.80 5.66 23.74
C VAL B 96 18.61 6.88 22.83
N VAL B 97 18.65 8.08 23.43
CA VAL B 97 18.45 9.30 22.67
C VAL B 97 19.28 9.31 21.39
N PRO B 98 20.60 9.04 21.43
CA PRO B 98 21.41 9.10 20.20
C PRO B 98 20.84 8.27 19.04
N VAL B 99 20.31 7.09 19.35
CA VAL B 99 19.76 6.22 18.33
C VAL B 99 18.50 6.82 17.71
N TYR B 100 17.53 7.18 18.55
CA TYR B 100 16.29 7.73 18.01
C TYR B 100 16.51 9.06 17.31
N GLN B 101 17.56 9.80 17.69
CA GLN B 101 17.90 11.03 16.95
C GLN B 101 18.46 10.70 15.57
N GLU B 102 19.17 9.57 15.44
CA GLU B 102 19.55 9.14 14.10
C GLU B 102 18.36 8.63 13.28
N PHE B 103 17.27 8.18 13.91
CA PHE B 103 16.02 7.97 13.17
C PHE B 103 15.44 9.30 12.71
N ALA B 104 15.27 10.24 13.64
CA ALA B 104 14.64 11.52 13.34
C ALA B 104 15.35 12.24 12.22
N ARG B 105 16.65 11.97 12.05
CA ARG B 105 17.42 12.59 10.99
C ARG B 105 17.32 11.84 9.66
N GLN B 106 17.22 10.51 9.68
CA GLN B 106 17.01 9.81 8.42
C GLN B 106 15.58 9.96 7.92
N ILE B 107 14.69 10.53 8.73
CA ILE B 107 13.28 10.58 8.41
C ILE B 107 12.80 11.98 8.05
N GLY B 108 13.44 13.01 8.56
CA GLY B 108 12.99 14.35 8.28
C GLY B 108 11.79 14.79 9.08
N GLU B 109 11.80 16.06 9.52
CA GLU B 109 10.72 16.62 10.34
C GLU B 109 9.41 16.71 9.57
N ALA B 110 9.48 16.90 8.26
CA ALA B 110 8.27 17.01 7.45
C ALA B 110 7.43 15.75 7.53
N ARG B 111 8.06 14.60 7.32
CA ARG B 111 7.32 13.34 7.45
C ARG B 111 6.91 13.12 8.89
N MET B 112 7.84 13.30 9.85
CA MET B 112 7.51 13.18 11.25
C MET B 112 6.19 13.87 11.56
N SER B 113 6.16 15.19 11.38
CA SER B 113 5.02 15.97 11.83
C SER B 113 3.74 15.49 11.15
N LYS B 114 3.82 15.18 9.85
CA LYS B 114 2.64 14.68 9.15
C LYS B 114 2.27 13.29 9.62
N MET B 115 3.26 12.40 9.77
CA MET B 115 2.99 11.07 10.30
C MET B 115 2.43 11.13 11.72
N LEU B 116 3.08 11.87 12.63
CA LEU B 116 2.52 12.02 13.97
C LEU B 116 1.14 12.68 13.91
N HIS B 117 0.89 13.52 12.91
CA HIS B 117 -0.44 14.12 12.79
C HIS B 117 -1.47 13.09 12.38
N ALA B 118 -1.09 12.12 11.55
CA ALA B 118 -2.00 11.06 11.19
C ALA B 118 -2.38 10.23 12.41
N PHE B 119 -1.41 9.99 13.30
CA PHE B 119 -1.67 9.28 14.54
C PHE B 119 -2.57 10.05 15.47
N ASP B 120 -2.81 11.33 15.19
CA ASP B 120 -3.59 12.17 16.11
C ASP B 120 -2.91 12.23 17.48
N TYR B 121 -1.59 12.46 17.47
CA TYR B 121 -0.80 12.37 18.70
C TYR B 121 -0.87 13.68 19.51
N GLY B 122 -0.43 14.79 18.94
CA GLY B 122 -0.26 15.95 19.80
C GLY B 122 -1.05 17.18 19.42
N ASN B 123 -0.54 18.37 19.80
CA ASN B 123 -1.09 19.65 19.40
C ASN B 123 -2.61 19.58 19.24
N ASP B 136 13.62 17.54 19.91
CA ASP B 136 13.06 18.80 20.37
C ASP B 136 11.66 18.57 20.96
N GLY B 137 11.18 17.33 20.89
CA GLY B 137 9.78 17.08 21.17
C GLY B 137 8.97 17.47 19.96
N GLY B 138 8.30 18.62 20.06
CA GLY B 138 7.57 19.22 18.95
C GLY B 138 6.09 19.40 19.24
N ILE B 139 5.54 18.60 20.15
CA ILE B 139 4.10 18.57 20.43
C ILE B 139 3.88 18.42 21.93
N ARG B 140 2.61 18.38 22.30
CA ARG B 140 2.16 18.35 23.70
C ARG B 140 0.97 17.41 23.80
N ILE B 141 1.04 16.47 24.75
CA ILE B 141 -0.02 15.49 24.90
C ILE B 141 -0.46 15.46 26.36
N SER B 142 -1.76 15.23 26.56
CA SER B 142 -2.29 14.96 27.89
C SER B 142 -2.28 13.45 28.12
N ALA B 143 -2.43 13.07 29.39
CA ALA B 143 -2.51 11.64 29.72
C ALA B 143 -3.69 11.00 29.02
N THR B 144 -4.87 11.64 29.09
CA THR B 144 -6.03 11.12 28.39
C THR B 144 -5.73 10.92 26.91
N GLU B 145 -5.20 11.96 26.26
CA GLU B 145 -4.76 11.82 24.88
C GLU B 145 -3.75 10.68 24.74
N GLN B 146 -2.89 10.51 25.74
CA GLN B 146 -1.89 9.46 25.67
C GLN B 146 -2.54 8.07 25.68
N ILE B 147 -3.71 7.92 26.30
CA ILE B 147 -4.36 6.62 26.38
C ILE B 147 -5.12 6.30 25.10
N SER B 148 -5.68 7.30 24.42
CA SER B 148 -6.34 7.07 23.14
C SER B 148 -5.38 6.60 22.06
N PHE B 149 -4.16 7.15 22.03
CA PHE B 149 -3.15 6.62 21.11
C PHE B 149 -2.81 5.18 21.44
N LEU B 150 -2.69 4.88 22.74
CA LEU B 150 -2.26 3.56 23.16
C LEU B 150 -3.27 2.50 22.72
N ARG B 151 -4.56 2.82 22.84
CA ARG B 151 -5.61 1.89 22.46
C ARG B 151 -5.59 1.60 20.96
N LYS B 152 -5.34 2.63 20.13
CA LYS B 152 -5.17 2.40 18.71
C LYS B 152 -4.04 1.41 18.47
N LEU B 153 -2.89 1.63 19.13
CA LEU B 153 -1.78 0.71 18.96
C LEU B 153 -2.16 -0.69 19.40
N TYR B 154 -2.85 -0.80 20.54
CA TYR B 154 -3.22 -2.10 21.05
C TYR B 154 -4.00 -2.89 20.01
N HIS B 155 -4.88 -2.22 19.29
CA HIS B 155 -5.80 -2.82 18.34
C HIS B 155 -5.30 -2.73 16.91
N ASN B 156 -4.01 -2.44 16.71
CA ASN B 156 -3.45 -2.34 15.35
C ASN B 156 -4.31 -1.44 14.46
N LYS B 157 -4.84 -0.36 15.04
CA LYS B 157 -5.70 0.53 14.26
C LYS B 157 -4.98 1.79 13.77
N LEU B 158 -3.70 1.97 14.07
CA LEU B 158 -2.96 3.04 13.42
C LEU B 158 -2.76 2.70 11.94
N HIS B 159 -2.71 3.74 11.11
CA HIS B 159 -2.64 3.54 9.67
C HIS B 159 -1.19 3.36 9.21
N VAL B 160 -0.64 2.25 9.67
CA VAL B 160 0.67 1.76 9.28
C VAL B 160 0.60 0.23 9.35
N SER B 161 1.59 -0.44 8.76
CA SER B 161 1.58 -1.89 8.75
C SER B 161 1.31 -2.44 10.14
N GLU B 162 0.58 -3.56 10.17
CA GLU B 162 0.48 -4.36 11.38
C GLU B 162 1.86 -4.84 11.83
N ARG B 163 2.77 -5.07 10.89
CA ARG B 163 4.13 -5.48 11.27
C ARG B 163 4.76 -4.43 12.17
N SER B 164 4.64 -3.14 11.82
CA SER B 164 5.21 -2.07 12.65
C SER B 164 4.66 -2.12 14.06
N GLN B 165 3.33 -2.15 14.17
CA GLN B 165 2.67 -2.10 15.47
C GLN B 165 3.01 -3.32 16.30
N ARG B 166 3.10 -4.49 15.67
CA ARG B 166 3.46 -5.68 16.45
C ARG B 166 4.90 -5.59 16.94
N ILE B 167 5.81 -5.07 16.11
CA ILE B 167 7.20 -4.90 16.51
C ILE B 167 7.32 -3.90 17.65
N VAL B 168 6.69 -2.73 17.53
CA VAL B 168 6.77 -1.76 18.63
C VAL B 168 6.18 -2.36 19.89
N LYS B 169 5.01 -3.00 19.78
CA LYS B 169 4.37 -3.60 20.93
C LYS B 169 5.29 -4.63 21.59
N GLN B 170 6.08 -5.36 20.79
CA GLN B 170 7.08 -6.26 21.38
C GLN B 170 8.16 -5.49 22.15
N ALA B 171 8.62 -4.36 21.57
CA ALA B 171 9.68 -3.56 22.17
C ALA B 171 9.22 -2.84 23.43
N MET B 172 7.92 -2.64 23.60
CA MET B 172 7.38 -2.06 24.81
C MET B 172 7.30 -3.03 25.97
N LEU B 173 7.66 -4.29 25.74
CA LEU B 173 7.54 -5.29 26.78
C LEU B 173 8.42 -4.91 27.96
N THR B 174 7.78 -4.66 29.09
CA THR B 174 8.42 -4.33 30.33
C THR B 174 8.41 -5.49 31.31
N GLU B 175 7.22 -6.01 31.65
CA GLU B 175 7.12 -7.05 32.65
C GLU B 175 6.01 -8.01 32.28
N ALA B 176 6.27 -9.29 32.49
CA ALA B 176 5.26 -10.32 32.31
C ALA B 176 5.46 -11.40 33.36
N ASN B 177 4.34 -11.89 33.91
CA ASN B 177 4.36 -13.05 34.82
C ASN B 177 3.09 -13.84 34.62
N GLY B 178 2.89 -14.85 35.47
CA GLY B 178 1.67 -15.65 35.37
C GLY B 178 0.41 -14.87 35.59
N ASP B 179 0.49 -13.62 36.02
CA ASP B 179 -0.69 -12.82 36.34
C ASP B 179 -0.98 -11.69 35.37
N TYR B 180 0.03 -11.09 34.74
CA TYR B 180 -0.25 -9.99 33.83
C TYR B 180 0.94 -9.74 32.93
N ILE B 181 0.70 -8.96 31.89
CA ILE B 181 1.75 -8.40 31.06
C ILE B 181 1.62 -6.90 31.08
N ILE B 182 2.76 -6.22 31.18
CA ILE B 182 2.85 -4.77 31.10
C ILE B 182 3.65 -4.42 29.86
N ARG B 183 3.07 -3.59 28.99
CA ARG B 183 3.75 -2.99 27.85
C ARG B 183 3.69 -1.47 28.03
N ALA B 184 4.85 -0.82 28.14
CA ALA B 184 4.83 0.58 28.55
C ALA B 184 6.09 1.30 28.07
N LYS B 185 6.15 2.59 28.39
CA LYS B 185 7.33 3.38 28.07
C LYS B 185 7.46 4.50 29.10
N THR B 186 8.68 4.69 29.64
CA THR B 186 8.96 5.79 30.55
C THR B 186 9.33 7.04 29.76
N GLY B 187 9.11 8.20 30.39
CA GLY B 187 9.60 9.46 29.87
C GLY B 187 10.04 10.37 30.99
N TYR B 188 10.76 11.43 30.63
CA TYR B 188 11.15 12.47 31.59
C TYR B 188 11.39 13.76 30.82
N ALA B 189 10.45 14.71 30.93
CA ALA B 189 10.61 16.03 30.33
C ALA B 189 11.25 16.93 31.39
N ALA B 190 12.49 17.35 31.14
CA ALA B 190 13.27 18.03 32.17
C ALA B 190 14.05 19.21 31.59
N ARG B 191 13.52 19.82 30.50
CA ARG B 191 14.06 21.08 29.97
C ARG B 191 13.20 22.28 30.33
N ILE B 192 11.91 22.09 30.63
CA ILE B 192 10.96 23.16 30.90
C ILE B 192 10.35 22.95 32.27
N GLU B 193 10.29 24.01 33.06
CA GLU B 193 9.58 23.95 34.33
C GLU B 193 8.07 24.03 34.09
N PRO B 194 7.28 23.11 34.67
CA PRO B 194 7.80 22.07 35.55
C PRO B 194 8.39 20.89 34.79
N LYS B 195 9.45 20.33 35.35
CA LYS B 195 9.93 19.02 34.94
C LYS B 195 8.94 17.97 35.43
N ILE B 196 8.59 17.02 34.55
CA ILE B 196 7.57 16.03 34.87
C ILE B 196 7.87 14.71 34.16
N GLY B 197 7.62 13.63 34.89
CA GLY B 197 7.96 12.29 34.45
C GLY B 197 6.70 11.53 34.07
N TRP B 198 6.84 10.68 33.04
CA TRP B 198 5.74 9.95 32.39
C TRP B 198 5.87 8.45 32.61
N TRP B 199 4.73 7.79 32.77
CA TRP B 199 4.67 6.36 32.45
C TRP B 199 3.34 6.05 31.82
N VAL B 200 3.37 5.62 30.58
CA VAL B 200 2.17 5.24 29.84
C VAL B 200 2.37 3.84 29.27
N GLY B 201 1.30 3.05 29.31
CA GLY B 201 1.32 1.73 28.73
C GLY B 201 0.00 1.02 28.95
N TRP B 202 0.03 -0.31 29.07
CA TRP B 202 -1.17 -1.01 29.48
C TRP B 202 -0.78 -2.29 30.18
N VAL B 203 -1.73 -2.83 30.92
CA VAL B 203 -1.53 -4.08 31.66
C VAL B 203 -2.51 -5.09 31.05
N GLU B 204 -1.98 -6.21 30.55
CA GLU B 204 -2.80 -7.23 29.89
C GLU B 204 -3.17 -8.31 30.90
N LEU B 205 -4.47 -8.45 31.15
CA LEU B 205 -5.01 -9.53 31.96
C LEU B 205 -5.62 -10.61 31.07
N ASP B 206 -5.97 -11.74 31.69
CA ASP B 206 -6.50 -12.87 30.92
C ASP B 206 -7.73 -12.49 30.11
N ASP B 207 -8.64 -11.73 30.71
CA ASP B 207 -9.87 -11.36 30.00
C ASP B 207 -10.11 -9.86 30.00
N ASN B 208 -9.09 -9.04 30.21
CA ASN B 208 -9.32 -7.61 30.14
C ASN B 208 -7.97 -6.93 29.93
N VAL B 209 -8.02 -5.69 29.48
CA VAL B 209 -6.82 -4.90 29.33
C VAL B 209 -7.10 -3.53 29.95
N TRP B 210 -6.21 -3.11 30.86
CA TRP B 210 -6.27 -1.82 31.52
C TRP B 210 -5.19 -0.91 30.93
N PHE B 211 -5.62 0.15 30.26
CA PHE B 211 -4.67 1.18 29.88
C PHE B 211 -4.45 2.12 31.07
N PHE B 212 -3.22 2.64 31.15
CA PHE B 212 -2.89 3.69 32.11
C PHE B 212 -2.01 4.73 31.44
N ALA B 213 -2.07 5.95 31.99
CA ALA B 213 -1.07 6.98 31.75
C ALA B 213 -0.92 7.75 33.05
N MET B 214 0.30 7.86 33.54
CA MET B 214 0.58 8.71 34.69
C MET B 214 1.67 9.73 34.34
N ASN B 215 1.56 10.91 34.92
CA ASN B 215 2.66 11.86 34.94
C ASN B 215 2.63 12.56 36.27
N MET B 216 3.78 13.04 36.69
CA MET B 216 3.89 13.65 38.01
C MET B 216 5.05 14.62 38.00
N ASP B 217 5.12 15.46 39.05
CA ASP B 217 6.17 16.46 39.18
C ASP B 217 7.49 15.78 39.54
N MET B 218 8.52 16.04 38.75
CA MET B 218 9.80 15.34 38.86
C MET B 218 10.95 16.35 38.85
N PRO B 219 11.17 17.05 39.94
CA PRO B 219 12.25 18.06 39.96
C PRO B 219 13.62 17.44 40.03
N THR B 220 13.71 16.32 40.73
CA THR B 220 14.90 15.51 40.82
C THR B 220 14.91 14.51 39.67
N SER B 221 15.94 13.68 39.65
CA SER B 221 15.91 12.38 39.00
C SER B 221 15.64 11.27 40.01
N ASP B 222 15.85 11.57 41.29
CA ASP B 222 15.88 10.57 42.37
C ASP B 222 14.53 9.93 42.61
N GLY B 223 13.43 10.52 42.15
CA GLY B 223 12.12 9.95 42.29
C GLY B 223 11.58 9.24 41.06
N LEU B 224 12.40 9.01 40.03
CA LEU B 224 11.86 8.37 38.84
C LEU B 224 11.13 7.07 39.21
N GLY B 225 11.72 6.26 40.09
CA GLY B 225 11.09 5.00 40.48
C GLY B 225 9.63 5.14 40.88
N LEU B 226 9.27 6.24 41.52
CA LEU B 226 7.89 6.44 41.91
C LEU B 226 6.97 6.41 40.70
N ARG B 227 7.49 6.72 39.50
CA ARG B 227 6.66 6.62 38.30
C ARG B 227 5.97 5.25 38.26
N GLN B 228 6.75 4.18 38.29
CA GLN B 228 6.20 2.83 38.31
C GLN B 228 5.62 2.46 39.68
N ALA B 229 6.28 2.86 40.76
CA ALA B 229 5.80 2.54 42.11
C ALA B 229 4.40 3.09 42.33
N ILE B 230 4.20 4.38 42.07
CA ILE B 230 2.90 4.96 42.38
C ILE B 230 1.83 4.35 41.50
N THR B 231 2.17 4.09 40.24
CA THR B 231 1.22 3.44 39.35
C THR B 231 0.89 2.04 39.84
N LYS B 232 1.90 1.30 40.28
CA LYS B 232 1.60 -0.06 40.71
C LYS B 232 0.82 -0.11 42.03
N GLU B 233 0.98 0.90 42.89
CA GLU B 233 0.15 0.96 44.09
C GLU B 233 -1.33 1.19 43.75
N VAL B 234 -1.60 1.92 42.67
CA VAL B 234 -2.99 2.10 42.24
C VAL B 234 -3.55 0.80 41.68
N LEU B 235 -2.77 0.10 40.85
CA LEU B 235 -3.28 -1.12 40.23
C LEU B 235 -3.52 -2.20 41.26
N LYS B 236 -2.79 -2.17 42.38
CA LYS B 236 -3.11 -3.08 43.46
C LYS B 236 -4.37 -2.65 44.17
N GLN B 237 -4.48 -1.34 44.45
CA GLN B 237 -5.64 -0.81 45.13
C GLN B 237 -6.91 -1.16 44.39
N GLU B 238 -6.87 -1.13 43.08
CA GLU B 238 -8.02 -1.46 42.27
C GLU B 238 -8.12 -2.96 41.99
N LYS B 239 -7.29 -3.76 42.65
CA LYS B 239 -7.28 -5.20 42.48
C LYS B 239 -6.93 -5.63 41.06
N ILE B 240 -6.40 -4.69 40.25
CA ILE B 240 -6.01 -4.99 38.87
C ILE B 240 -4.84 -5.98 38.84
N ILE B 241 -3.83 -5.74 39.68
CA ILE B 241 -2.71 -6.66 39.82
C ILE B 241 -2.68 -7.17 41.25
N PRO B 242 -2.24 -8.41 41.48
CA PRO B 242 -2.13 -8.96 42.83
C PRO B 242 -1.04 -8.21 43.58
N GLU C 1 16.41 -7.25 -8.60
CA GLU C 1 16.19 -6.27 -9.67
C GLU C 1 15.22 -5.19 -9.20
N TRP C 2 14.31 -5.54 -8.31
CA TRP C 2 13.30 -4.61 -7.84
C TRP C 2 13.79 -3.79 -6.67
N GLN C 3 13.30 -2.56 -6.58
CA GLN C 3 13.68 -1.63 -5.54
C GLN C 3 12.48 -1.30 -4.67
N GLU C 4 12.57 -1.66 -3.39
CA GLU C 4 11.53 -1.34 -2.43
C GLU C 4 11.77 0.02 -1.85
N ASN C 5 10.81 0.92 -2.01
CA ASN C 5 10.94 2.30 -1.57
C ASN C 5 9.82 2.58 -0.57
N LYS C 6 10.06 2.21 0.68
CA LYS C 6 9.06 2.33 1.73
C LYS C 6 8.82 3.77 2.15
N SER C 7 9.61 4.73 1.66
CA SER C 7 9.31 6.12 1.97
C SER C 7 7.94 6.51 1.47
N TRP C 8 7.41 5.76 0.51
CA TRP C 8 6.07 5.99 -0.02
C TRP C 8 4.98 5.68 0.99
N ASN C 9 5.30 5.06 2.13
CA ASN C 9 4.26 4.60 3.06
C ASN C 9 3.48 5.77 3.67
N VAL C 10 4.14 6.91 3.92
CA VAL C 10 3.38 8.14 4.00
C VAL C 10 2.70 8.38 2.67
N HIS C 11 1.68 9.21 2.67
CA HIS C 11 0.68 9.28 1.59
C HIS C 11 -0.35 8.17 1.73
N PHE C 12 0.02 7.08 2.37
CA PHE C 12 -0.98 6.10 2.69
C PHE C 12 -1.46 6.42 4.09
N THR C 13 -0.54 6.36 5.05
CA THR C 13 -0.89 6.73 6.41
C THR C 13 -1.33 8.19 6.44
N GLU C 14 -0.80 8.99 5.52
CA GLU C 14 -1.28 10.36 5.37
C GLU C 14 -2.76 10.41 5.01
N HIS C 15 -3.23 9.49 4.17
CA HIS C 15 -4.63 9.46 3.79
C HIS C 15 -5.41 8.39 4.55
N LYS C 16 -4.91 8.00 5.73
CA LYS C 16 -5.59 7.05 6.61
C LYS C 16 -5.75 5.68 5.99
N SER C 17 -4.71 5.23 5.28
CA SER C 17 -4.88 4.13 4.33
C SER C 17 -3.71 3.16 4.40
N GLN C 18 -3.89 2.02 3.73
CA GLN C 18 -2.86 1.02 3.51
C GLN C 18 -3.03 0.45 2.11
N GLY C 19 -1.91 0.07 1.50
CA GLY C 19 -1.94 -0.37 0.12
C GLY C 19 -0.54 -0.38 -0.48
N VAL C 20 -0.51 -0.60 -1.79
CA VAL C 20 0.71 -0.78 -2.56
C VAL C 20 0.65 0.10 -3.81
N VAL C 21 1.80 0.56 -4.25
CA VAL C 21 1.93 1.22 -5.55
C VAL C 21 3.11 0.58 -6.26
N VAL C 22 2.87 0.06 -7.46
CA VAL C 22 3.91 -0.59 -8.26
C VAL C 22 4.21 0.28 -9.46
N LEU C 23 5.49 0.50 -9.72
CA LEU C 23 5.94 1.36 -10.78
C LEU C 23 6.88 0.58 -11.66
N TRP C 24 6.74 0.76 -12.97
CA TRP C 24 7.64 0.17 -13.92
C TRP C 24 8.19 1.28 -14.79
N ASN C 25 9.51 1.40 -14.84
CA ASN C 25 10.19 2.34 -15.71
C ASN C 25 10.56 1.59 -16.96
N GLU C 26 9.80 1.83 -18.04
CA GLU C 26 10.00 1.06 -19.26
C GLU C 26 11.38 1.32 -19.86
N ASN C 27 11.79 2.59 -19.93
CA ASN C 27 13.06 2.91 -20.56
C ASN C 27 14.24 2.24 -19.88
N GLU C 28 14.17 2.02 -18.58
CA GLU C 28 15.26 1.37 -17.87
C GLU C 28 15.01 -0.10 -17.59
N GLN C 29 13.76 -0.55 -17.66
CA GLN C 29 13.40 -1.91 -17.27
C GLN C 29 13.67 -2.13 -15.78
N GLN C 30 13.07 -1.23 -14.98
CA GLN C 30 13.30 -1.18 -13.54
C GLN C 30 11.96 -1.08 -12.81
N GLY C 31 11.82 -1.85 -11.74
CA GLY C 31 10.59 -1.88 -10.94
C GLY C 31 10.79 -1.30 -9.55
N PHE C 32 9.82 -0.49 -9.10
CA PHE C 32 9.78 0.08 -7.77
C PHE C 32 8.44 -0.24 -7.12
N THR C 33 8.47 -0.57 -5.83
CA THR C 33 7.26 -0.71 -5.03
C THR C 33 7.55 -0.29 -3.60
N ASN C 34 6.50 0.16 -2.90
CA ASN C 34 6.67 0.42 -1.49
C ASN C 34 6.57 -0.84 -0.66
N ASN C 35 5.98 -1.90 -1.20
CA ASN C 35 5.64 -3.07 -0.40
C ASN C 35 5.72 -4.27 -1.34
N LEU C 36 6.82 -5.02 -1.27
CA LEU C 36 7.00 -6.10 -2.23
C LEU C 36 5.94 -7.18 -2.06
N LYS C 37 5.76 -7.66 -0.83
CA LYS C 37 4.77 -8.70 -0.59
C LYS C 37 3.43 -8.36 -1.22
N ARG C 38 2.86 -7.21 -0.86
CA ARG C 38 1.54 -6.85 -1.35
C ARG C 38 1.54 -6.64 -2.85
N ALA C 39 2.66 -6.19 -3.40
CA ALA C 39 2.80 -6.02 -4.84
C ALA C 39 2.48 -7.32 -5.57
N ASN C 40 2.94 -8.44 -5.01
CA ASN C 40 2.68 -9.79 -5.52
C ASN C 40 1.42 -10.41 -4.96
N GLN C 41 0.72 -9.74 -4.05
CA GLN C 41 -0.54 -10.25 -3.52
C GLN C 41 -1.64 -10.17 -4.59
N ALA C 42 -2.36 -11.28 -4.78
CA ALA C 42 -3.41 -11.36 -5.80
C ALA C 42 -4.75 -10.96 -5.19
N PHE C 43 -5.40 -9.99 -5.80
CA PHE C 43 -6.72 -9.52 -5.41
C PHE C 43 -7.70 -9.74 -6.55
N LEU C 44 -8.99 -9.68 -6.23
CA LEU C 44 -10.00 -9.62 -7.27
C LEU C 44 -9.72 -8.40 -8.16
N PRO C 45 -9.87 -8.54 -9.49
CA PRO C 45 -9.43 -7.48 -10.41
C PRO C 45 -10.51 -6.45 -10.72
N ALA C 46 -11.55 -6.36 -9.91
CA ALA C 46 -12.93 -6.28 -10.41
C ALA C 46 -13.07 -5.53 -11.74
N SER C 47 -12.98 -4.21 -11.76
CA SER C 47 -13.35 -3.56 -13.00
C SER C 47 -12.16 -3.38 -13.92
N THR C 48 -10.95 -3.43 -13.36
CA THR C 48 -9.75 -3.34 -14.16
C THR C 48 -9.76 -4.55 -15.11
N LEU C 49 -10.67 -5.48 -14.84
CA LEU C 49 -10.89 -6.63 -15.70
C LEU C 49 -11.58 -6.26 -17.02
N LYS C 50 -12.15 -5.06 -17.12
CA LYS C 50 -12.78 -4.62 -18.35
C LYS C 50 -11.77 -4.46 -19.48
N ILE C 51 -10.50 -4.28 -19.18
CA ILE C 51 -9.51 -4.13 -20.22
C ILE C 51 -9.49 -5.41 -21.05
N PRO C 52 -9.10 -6.56 -20.48
CA PRO C 52 -9.13 -7.79 -21.27
C PRO C 52 -10.51 -8.09 -21.83
N ASN C 53 -11.54 -7.80 -21.06
CA ASN C 53 -12.93 -7.98 -21.50
C ASN C 53 -13.15 -7.30 -22.84
N SER C 54 -12.80 -6.02 -22.92
CA SER C 54 -12.96 -5.28 -24.18
C SER C 54 -12.12 -5.88 -25.28
N LEU C 55 -10.84 -6.18 -24.99
CA LEU C 55 -10.00 -6.81 -25.99
C LEU C 55 -10.69 -8.01 -26.61
N ILE C 56 -11.28 -8.85 -25.76
CA ILE C 56 -11.94 -10.06 -26.24
C ILE C 56 -13.20 -9.70 -27.03
N ALA C 57 -14.00 -8.76 -26.53
CA ALA C 57 -15.27 -8.43 -27.18
C ALA C 57 -15.10 -7.78 -28.54
N LEU C 58 -13.96 -7.15 -28.80
CA LEU C 58 -13.71 -6.60 -30.13
C LEU C 58 -13.15 -7.63 -31.09
N ASP C 59 -12.22 -8.48 -30.61
CA ASP C 59 -11.58 -9.45 -31.48
C ASP C 59 -12.55 -10.54 -31.95
N LEU C 60 -13.53 -10.89 -31.11
CA LEU C 60 -14.58 -11.79 -31.57
C LEU C 60 -15.60 -11.07 -32.44
N GLY C 61 -15.92 -9.81 -32.14
CA GLY C 61 -16.89 -9.06 -32.89
C GLY C 61 -18.16 -8.75 -32.13
N VAL C 62 -18.12 -8.90 -30.80
CA VAL C 62 -19.27 -8.55 -29.96
C VAL C 62 -19.44 -7.03 -29.90
N VAL C 63 -18.33 -6.31 -29.86
CA VAL C 63 -18.29 -4.92 -30.26
C VAL C 63 -17.75 -4.88 -31.68
N LYS C 64 -18.49 -4.22 -32.59
CA LYS C 64 -17.90 -3.91 -33.88
C LYS C 64 -16.78 -2.89 -33.72
N ASP C 65 -17.07 -1.78 -33.05
CA ASP C 65 -16.08 -0.72 -32.82
C ASP C 65 -16.57 0.18 -31.68
N GLU C 66 -15.84 1.28 -31.44
CA GLU C 66 -16.00 2.13 -30.27
C GLU C 66 -17.13 3.15 -30.41
N HIS C 67 -17.95 3.06 -31.47
CA HIS C 67 -19.14 3.89 -31.62
C HIS C 67 -20.44 3.12 -31.45
N GLN C 68 -20.39 1.80 -31.52
CA GLN C 68 -21.60 0.98 -31.39
C GLN C 68 -22.29 1.28 -30.06
N VAL C 69 -23.62 1.40 -30.10
CA VAL C 69 -24.42 1.83 -28.95
C VAL C 69 -25.13 0.62 -28.36
N PHE C 70 -24.91 0.34 -27.08
CA PHE C 70 -25.54 -0.78 -26.39
C PHE C 70 -26.66 -0.24 -25.50
N LYS C 71 -27.87 -0.23 -26.05
CA LYS C 71 -28.98 0.43 -25.39
C LYS C 71 -29.24 -0.14 -24.00
N TRP C 72 -29.55 0.76 -23.07
CA TRP C 72 -29.94 0.40 -21.71
C TRP C 72 -30.99 -0.70 -21.77
N ASP C 73 -31.00 -1.56 -20.74
CA ASP C 73 -31.97 -2.64 -20.67
C ASP C 73 -33.31 -2.19 -20.11
N GLY C 74 -33.36 -1.07 -19.40
CA GLY C 74 -34.61 -0.54 -18.92
C GLY C 74 -35.00 -0.86 -17.49
N GLN C 75 -34.06 -1.30 -16.67
CA GLN C 75 -34.24 -1.38 -15.23
C GLN C 75 -33.30 -0.36 -14.59
N THR C 76 -33.83 0.44 -13.66
CA THR C 76 -33.02 1.47 -13.02
C THR C 76 -32.13 0.86 -11.95
N ARG C 77 -30.83 0.99 -12.11
CA ARG C 77 -29.84 0.55 -11.14
C ARG C 77 -29.36 1.75 -10.34
N ASP C 78 -28.72 1.47 -9.21
CA ASP C 78 -28.43 2.53 -8.27
C ASP C 78 -27.34 3.48 -8.74
N ILE C 79 -26.60 3.13 -9.78
CA ILE C 79 -25.65 4.05 -10.43
C ILE C 79 -26.40 4.78 -11.54
N ALA C 80 -26.60 6.09 -11.38
CA ALA C 80 -27.40 6.83 -12.36
C ALA C 80 -26.72 6.88 -13.72
N THR C 81 -25.39 6.94 -13.75
CA THR C 81 -24.68 6.94 -15.01
C THR C 81 -24.85 5.64 -15.79
N TRP C 82 -25.48 4.62 -15.20
CA TRP C 82 -25.62 3.32 -15.84
C TRP C 82 -26.92 3.16 -16.59
N ASN C 83 -27.90 4.03 -16.35
CA ASN C 83 -29.20 3.91 -16.98
C ASN C 83 -29.25 4.61 -18.33
N ARG C 84 -28.10 4.80 -18.95
CA ARG C 84 -27.93 5.47 -20.23
C ARG C 84 -27.71 4.46 -21.35
N ASP C 85 -27.92 4.92 -22.57
CA ASP C 85 -27.25 4.32 -23.70
C ASP C 85 -25.76 4.58 -23.58
N HIS C 86 -24.96 3.57 -23.89
CA HIS C 86 -23.50 3.68 -23.85
C HIS C 86 -22.90 3.00 -25.07
N ASN C 87 -21.68 3.41 -25.42
CA ASN C 87 -20.82 2.67 -26.33
C ASN C 87 -19.59 2.19 -25.55
N LEU C 88 -18.61 1.63 -26.26
CA LEU C 88 -17.47 1.06 -25.56
C LEU C 88 -16.63 2.13 -24.86
N ILE C 89 -16.76 3.40 -25.24
CA ILE C 89 -15.99 4.44 -24.55
C ILE C 89 -16.65 4.81 -23.25
N THR C 90 -17.94 5.12 -23.30
CA THR C 90 -18.65 5.61 -22.12
C THR C 90 -18.76 4.53 -21.06
N ALA C 91 -18.98 3.28 -21.49
CA ALA C 91 -19.12 2.17 -20.55
C ALA C 91 -17.80 1.79 -19.91
N MET C 92 -16.70 1.90 -20.66
CA MET C 92 -15.40 1.84 -20.00
C MET C 92 -15.23 2.99 -19.02
N LYS C 93 -15.67 4.18 -19.42
CA LYS C 93 -15.53 5.38 -18.59
C LYS C 93 -16.23 5.22 -17.25
N TYR C 94 -17.55 5.01 -17.29
CA TYR C 94 -18.40 4.92 -16.10
C TYR C 94 -18.41 3.54 -15.49
N SER C 95 -17.52 2.66 -15.95
CA SER C 95 -17.44 1.32 -15.40
C SER C 95 -18.81 0.64 -15.43
N VAL C 96 -19.53 0.76 -16.54
CA VAL C 96 -20.89 0.22 -16.68
C VAL C 96 -20.84 -1.31 -16.79
N VAL C 97 -21.15 -1.98 -15.68
CA VAL C 97 -20.99 -3.43 -15.52
C VAL C 97 -22.06 -4.20 -16.26
N PRO C 98 -23.34 -3.82 -16.16
CA PRO C 98 -24.37 -4.57 -16.90
C PRO C 98 -24.13 -4.56 -18.39
N VAL C 99 -23.58 -3.48 -18.92
CA VAL C 99 -23.19 -3.47 -20.32
C VAL C 99 -22.19 -4.58 -20.59
N TYR C 100 -21.15 -4.65 -19.77
CA TYR C 100 -20.15 -5.70 -19.93
C TYR C 100 -20.71 -7.09 -19.70
N GLN C 101 -21.88 -7.19 -19.04
CA GLN C 101 -22.53 -8.48 -18.85
C GLN C 101 -23.05 -9.02 -20.17
N GLU C 102 -23.81 -8.23 -20.91
CA GLU C 102 -24.29 -8.66 -22.22
C GLU C 102 -23.14 -9.08 -23.10
N PHE C 103 -21.96 -8.47 -22.91
CA PHE C 103 -20.77 -8.95 -23.61
C PHE C 103 -20.47 -10.39 -23.23
N ALA C 104 -20.26 -10.64 -21.94
CA ALA C 104 -19.90 -11.97 -21.48
C ALA C 104 -21.04 -12.97 -21.69
N ARG C 105 -22.29 -12.50 -21.61
CA ARG C 105 -23.39 -13.35 -22.06
C ARG C 105 -23.11 -13.86 -23.46
N GLN C 106 -22.59 -12.99 -24.32
CA GLN C 106 -22.33 -13.30 -25.72
C GLN C 106 -20.93 -13.81 -26.01
N ILE C 107 -20.07 -13.89 -25.00
CA ILE C 107 -18.73 -14.49 -25.16
C ILE C 107 -18.69 -15.91 -24.61
N GLY C 108 -18.99 -16.07 -23.33
CA GLY C 108 -19.10 -17.37 -22.70
C GLY C 108 -17.82 -17.78 -21.99
N GLU C 109 -17.99 -18.66 -21.01
CA GLU C 109 -16.88 -19.24 -20.27
C GLU C 109 -15.85 -19.84 -21.23
N ALA C 110 -16.33 -20.58 -22.22
CA ALA C 110 -15.43 -21.31 -23.11
C ALA C 110 -14.35 -20.41 -23.68
N ARG C 111 -14.75 -19.28 -24.26
CA ARG C 111 -13.79 -18.39 -24.90
C ARG C 111 -13.16 -17.40 -23.93
N MET C 112 -13.89 -16.98 -22.90
CA MET C 112 -13.32 -16.09 -21.90
C MET C 112 -12.08 -16.68 -21.25
N SER C 113 -12.18 -17.93 -20.79
CA SER C 113 -11.07 -18.56 -20.10
C SER C 113 -9.90 -18.78 -21.04
N LYS C 114 -10.15 -19.26 -22.26
CA LYS C 114 -9.04 -19.45 -23.20
C LYS C 114 -8.40 -18.11 -23.57
N MET C 115 -9.23 -17.07 -23.80
CA MET C 115 -8.70 -15.76 -24.16
C MET C 115 -7.93 -15.14 -22.99
N LEU C 116 -8.53 -15.17 -21.81
CA LEU C 116 -7.85 -14.65 -20.63
C LEU C 116 -6.62 -15.48 -20.30
N HIS C 117 -6.64 -16.77 -20.62
CA HIS C 117 -5.45 -17.59 -20.40
C HIS C 117 -4.36 -17.26 -21.42
N ALA C 118 -4.75 -17.01 -22.68
CA ALA C 118 -3.78 -16.59 -23.67
C ALA C 118 -3.22 -15.22 -23.32
N PHE C 119 -4.04 -14.36 -22.70
CA PHE C 119 -3.57 -13.10 -22.16
C PHE C 119 -2.59 -13.31 -21.00
N ASP C 120 -2.51 -14.52 -20.46
CA ASP C 120 -1.68 -14.80 -19.28
C ASP C 120 -2.07 -13.86 -18.14
N TYR C 121 -3.38 -13.74 -17.93
CA TYR C 121 -3.87 -12.61 -17.14
C TYR C 121 -3.61 -12.78 -15.64
N GLY C 122 -4.31 -13.70 -14.99
CA GLY C 122 -4.18 -13.77 -13.55
C GLY C 122 -3.68 -15.11 -13.05
N ASN C 123 -4.60 -15.87 -12.47
CA ASN C 123 -4.45 -17.29 -12.20
C ASN C 123 -4.12 -18.10 -13.45
N ILE C 139 -11.20 -15.37 -9.97
CA ILE C 139 -10.29 -14.54 -10.78
C ILE C 139 -9.50 -13.55 -9.95
N ARG C 140 -8.19 -13.80 -9.73
CA ARG C 140 -7.35 -12.94 -8.89
C ARG C 140 -6.04 -12.57 -9.58
N ILE C 141 -5.67 -11.29 -9.50
CA ILE C 141 -4.43 -10.81 -10.10
C ILE C 141 -3.76 -9.82 -9.15
N SER C 142 -2.42 -9.91 -9.07
CA SER C 142 -1.57 -9.03 -8.28
C SER C 142 -1.07 -7.85 -9.11
N ALA C 143 -0.64 -6.80 -8.39
CA ALA C 143 -0.25 -5.55 -9.03
C ALA C 143 0.89 -5.75 -10.04
N THR C 144 1.89 -6.56 -9.69
CA THR C 144 2.98 -6.85 -10.62
C THR C 144 2.43 -7.47 -11.88
N GLU C 145 1.51 -8.41 -11.74
CA GLU C 145 0.96 -9.09 -12.91
C GLU C 145 0.21 -8.12 -13.81
N GLN C 146 -0.53 -7.18 -13.23
CA GLN C 146 -1.23 -6.22 -14.09
C GLN C 146 -0.25 -5.33 -14.86
N ILE C 147 0.95 -5.09 -14.34
CA ILE C 147 1.94 -4.37 -15.12
C ILE C 147 2.40 -5.19 -16.32
N SER C 148 2.69 -6.48 -16.10
CA SER C 148 3.11 -7.31 -17.22
C SER C 148 2.05 -7.33 -18.31
N PHE C 149 0.79 -7.46 -17.91
CA PHE C 149 -0.30 -7.39 -18.87
C PHE C 149 -0.32 -6.07 -19.61
N LEU C 150 -0.28 -4.96 -18.86
CA LEU C 150 -0.41 -3.65 -19.48
C LEU C 150 0.76 -3.34 -20.40
N ARG C 151 1.94 -3.84 -20.06
CA ARG C 151 3.08 -3.68 -20.96
C ARG C 151 2.83 -4.40 -22.26
N LYS C 152 2.29 -5.61 -22.19
CA LYS C 152 1.92 -6.33 -23.40
C LYS C 152 0.95 -5.51 -24.22
N LEU C 153 -0.08 -4.98 -23.57
CA LEU C 153 -1.06 -4.16 -24.25
C LEU C 153 -0.39 -2.96 -24.93
N TYR C 154 0.45 -2.25 -24.17
CA TYR C 154 1.02 -1.02 -24.69
C TYR C 154 1.78 -1.26 -25.98
N HIS C 155 2.39 -2.44 -26.11
CA HIS C 155 3.18 -2.78 -27.28
C HIS C 155 2.42 -3.66 -28.26
N ASN C 156 1.10 -3.79 -28.12
CA ASN C 156 0.31 -4.54 -29.10
C ASN C 156 0.75 -6.00 -29.18
N LYS C 157 0.97 -6.63 -28.03
CA LYS C 157 1.48 -7.99 -28.05
C LYS C 157 0.51 -9.04 -27.52
N LEU C 158 -0.62 -8.63 -26.93
CA LEU C 158 -1.65 -9.60 -26.61
C LEU C 158 -2.12 -10.29 -27.89
N HIS C 159 -2.68 -11.48 -27.73
CA HIS C 159 -3.02 -12.30 -28.90
C HIS C 159 -4.39 -11.95 -29.46
N VAL C 160 -4.61 -10.64 -29.63
CA VAL C 160 -5.76 -10.05 -30.33
C VAL C 160 -5.20 -9.14 -31.42
N SER C 161 -6.07 -8.75 -32.36
CA SER C 161 -5.64 -7.86 -33.41
C SER C 161 -5.04 -6.58 -32.83
N GLU C 162 -4.14 -5.95 -33.59
CA GLU C 162 -3.63 -4.65 -33.17
C GLU C 162 -4.72 -3.60 -33.22
N ARG C 163 -5.71 -3.76 -34.09
CA ARG C 163 -6.88 -2.89 -34.03
C ARG C 163 -7.56 -3.01 -32.67
N SER C 164 -7.79 -4.24 -32.20
CA SER C 164 -8.43 -4.45 -30.90
C SER C 164 -7.68 -3.70 -29.82
N GLN C 165 -6.36 -3.71 -29.89
CA GLN C 165 -5.56 -3.11 -28.84
C GLN C 165 -5.51 -1.58 -28.95
N ARG C 166 -5.39 -1.02 -30.15
CA ARG C 166 -5.47 0.43 -30.26
C ARG C 166 -6.81 0.96 -29.75
N ILE C 167 -7.90 0.23 -30.02
CA ILE C 167 -9.23 0.68 -29.63
C ILE C 167 -9.37 0.69 -28.11
N VAL C 168 -8.82 -0.32 -27.41
CA VAL C 168 -8.94 -0.38 -25.95
C VAL C 168 -8.02 0.65 -25.28
N LYS C 169 -6.78 0.80 -25.77
CA LYS C 169 -5.95 1.90 -25.31
C LYS C 169 -6.63 3.24 -25.58
N GLN C 170 -7.37 3.36 -26.67
CA GLN C 170 -8.16 4.57 -26.87
C GLN C 170 -9.24 4.69 -25.80
N ALA C 171 -9.88 3.59 -25.42
CA ALA C 171 -10.97 3.66 -24.44
C ALA C 171 -10.45 3.92 -23.03
N MET C 172 -9.15 3.66 -22.78
CA MET C 172 -8.48 3.89 -21.50
C MET C 172 -8.05 5.34 -21.29
N LEU C 173 -8.16 6.18 -22.30
CA LEU C 173 -7.66 7.52 -22.17
C LEU C 173 -8.33 8.18 -20.98
N THR C 174 -7.54 8.50 -19.96
CA THR C 174 -8.06 9.05 -18.72
C THR C 174 -7.79 10.54 -18.56
N GLU C 175 -6.52 10.93 -18.49
CA GLU C 175 -6.15 12.33 -18.48
C GLU C 175 -5.15 12.59 -19.60
N ALA C 176 -5.07 13.87 -20.00
CA ALA C 176 -4.10 14.29 -21.00
C ALA C 176 -3.97 15.80 -20.93
N ASN C 177 -2.73 16.26 -20.90
CA ASN C 177 -2.43 17.68 -20.81
C ASN C 177 -1.13 17.92 -21.59
N GLY C 178 -0.48 19.04 -21.32
CA GLY C 178 0.82 19.25 -21.95
C GLY C 178 1.96 18.41 -21.39
N ASP C 179 1.75 17.70 -20.28
CA ASP C 179 2.86 17.06 -19.58
C ASP C 179 2.82 15.55 -19.57
N TYR C 180 1.65 14.93 -19.64
CA TYR C 180 1.62 13.47 -19.70
C TYR C 180 0.26 13.05 -20.22
N ILE C 181 0.16 11.76 -20.55
CA ILE C 181 -1.09 11.09 -20.87
C ILE C 181 -1.25 9.91 -19.93
N ILE C 182 -2.41 9.84 -19.28
CA ILE C 182 -2.76 8.71 -18.43
C ILE C 182 -3.79 7.85 -19.13
N ARG C 183 -3.45 6.60 -19.34
CA ARG C 183 -4.39 5.59 -19.79
C ARG C 183 -4.47 4.58 -18.66
N ALA C 184 -5.67 4.44 -18.07
CA ALA C 184 -5.84 3.65 -16.86
C ALA C 184 -7.28 3.14 -16.78
N LYS C 185 -7.50 2.22 -15.84
CA LYS C 185 -8.82 1.76 -15.43
C LYS C 185 -8.87 1.64 -13.91
N THR C 186 -9.98 2.06 -13.33
CA THR C 186 -10.22 1.89 -11.91
C THR C 186 -10.99 0.60 -11.64
N GLY C 187 -10.76 0.04 -10.46
CA GLY C 187 -11.55 -1.09 -10.00
C GLY C 187 -11.85 -0.90 -8.52
N TYR C 188 -13.02 -1.42 -8.11
CA TYR C 188 -13.47 -1.30 -6.72
C TYR C 188 -14.34 -2.51 -6.37
N ALA C 189 -13.85 -3.31 -5.41
CA ALA C 189 -14.50 -4.53 -4.96
C ALA C 189 -14.99 -4.38 -3.52
N ALA C 190 -16.15 -4.97 -3.22
CA ALA C 190 -16.95 -4.65 -2.04
C ALA C 190 -17.49 -5.85 -1.28
N ARG C 191 -17.54 -7.05 -1.88
CA ARG C 191 -17.94 -8.23 -1.11
C ARG C 191 -16.98 -8.48 0.03
N ILE C 192 -15.67 -8.28 -0.22
CA ILE C 192 -14.64 -8.55 0.77
C ILE C 192 -14.65 -7.48 1.87
N GLU C 193 -13.96 -7.79 2.97
CA GLU C 193 -13.51 -6.79 3.93
C GLU C 193 -12.02 -7.05 4.15
N PRO C 194 -11.14 -6.06 3.90
CA PRO C 194 -11.56 -4.73 3.47
C PRO C 194 -11.93 -4.65 1.98
N LYS C 195 -12.80 -3.69 1.68
CA LYS C 195 -13.00 -3.24 0.32
C LYS C 195 -11.67 -2.72 -0.21
N ILE C 196 -11.29 -3.16 -1.41
CA ILE C 196 -10.00 -2.80 -1.98
C ILE C 196 -10.24 -2.06 -3.28
N GLY C 197 -9.47 -1.00 -3.50
CA GLY C 197 -9.60 -0.18 -4.70
C GLY C 197 -8.37 -0.41 -5.58
N TRP C 198 -8.64 -0.56 -6.87
CA TRP C 198 -7.60 -0.75 -7.89
C TRP C 198 -7.38 0.54 -8.66
N TRP C 199 -6.14 0.74 -9.09
CA TRP C 199 -5.89 1.66 -10.23
C TRP C 199 -4.67 1.17 -11.00
N VAL C 200 -4.85 0.88 -12.27
CA VAL C 200 -3.76 0.41 -13.10
C VAL C 200 -3.76 1.18 -14.42
N GLY C 201 -2.60 1.27 -15.05
CA GLY C 201 -2.50 2.06 -16.27
C GLY C 201 -1.06 2.49 -16.54
N TRP C 202 -0.93 3.62 -17.22
CA TRP C 202 0.40 4.14 -17.41
C TRP C 202 0.31 5.63 -17.67
N VAL C 203 1.44 6.29 -17.46
CA VAL C 203 1.63 7.66 -17.87
C VAL C 203 2.63 7.67 -19.01
N GLU C 204 2.25 8.28 -20.12
CA GLU C 204 3.15 8.49 -21.24
C GLU C 204 3.84 9.83 -21.05
N LEU C 205 5.17 9.80 -21.12
CA LEU C 205 5.95 11.02 -21.20
C LEU C 205 6.47 11.23 -22.63
N ASP C 206 6.90 12.45 -22.91
CA ASP C 206 7.52 12.72 -24.20
C ASP C 206 8.48 11.59 -24.59
N ASP C 207 9.21 11.04 -23.61
CA ASP C 207 10.31 10.16 -23.99
C ASP C 207 10.42 8.97 -23.07
N ASN C 208 9.33 8.61 -22.41
CA ASN C 208 9.32 7.42 -21.58
C ASN C 208 7.87 7.14 -21.24
N VAL C 209 7.62 5.91 -20.82
CA VAL C 209 6.33 5.54 -20.30
C VAL C 209 6.58 4.85 -18.96
N TRP C 210 5.71 5.13 -17.98
CA TRP C 210 5.80 4.56 -16.65
C TRP C 210 4.51 3.82 -16.39
N PHE C 211 4.63 2.53 -16.09
CA PHE C 211 3.47 1.71 -15.78
C PHE C 211 3.25 1.74 -14.28
N PHE C 212 2.00 1.97 -13.88
CA PHE C 212 1.62 1.96 -12.48
C PHE C 212 0.47 0.98 -12.27
N ALA C 213 0.59 0.15 -11.24
CA ALA C 213 -0.50 -0.69 -10.76
C ALA C 213 -0.67 -0.45 -9.26
N MET C 214 -1.85 0.03 -8.87
CA MET C 214 -2.13 0.46 -7.50
C MET C 214 -3.34 -0.28 -6.97
N ASN C 215 -3.26 -0.70 -5.71
CA ASN C 215 -4.45 -1.19 -5.02
C ASN C 215 -4.31 -0.84 -3.54
N MET C 216 -5.45 -0.66 -2.89
CA MET C 216 -5.43 -0.20 -1.51
C MET C 216 -6.69 -0.69 -0.80
N ASP C 217 -6.65 -0.64 0.51
CA ASP C 217 -7.83 -0.95 1.31
C ASP C 217 -8.71 0.29 1.35
N MET C 218 -9.94 0.14 0.87
CA MET C 218 -10.79 1.30 0.78
C MET C 218 -11.45 1.60 2.12
N PRO C 219 -11.69 2.87 2.40
CA PRO C 219 -12.50 3.25 3.56
C PRO C 219 -13.94 2.87 3.29
N THR C 220 -14.88 3.43 4.05
CA THR C 220 -16.28 3.05 3.90
C THR C 220 -16.62 2.85 2.44
N SER C 221 -16.72 3.93 1.67
CA SER C 221 -16.38 3.94 0.25
C SER C 221 -15.72 5.26 -0.11
N ASP C 222 -16.25 6.33 0.49
CA ASP C 222 -16.19 7.71 0.02
C ASP C 222 -14.85 8.11 -0.57
N GLY C 223 -13.77 7.54 -0.06
CA GLY C 223 -12.46 7.96 -0.49
C GLY C 223 -12.02 7.34 -1.79
N LEU C 224 -12.96 7.20 -2.73
CA LEU C 224 -12.61 6.58 -4.00
C LEU C 224 -11.54 7.38 -4.73
N GLY C 225 -11.60 8.71 -4.62
CA GLY C 225 -10.57 9.54 -5.21
C GLY C 225 -9.19 9.26 -4.66
N LEU C 226 -9.11 8.60 -3.50
CA LEU C 226 -7.79 8.26 -2.97
C LEU C 226 -7.02 7.39 -3.95
N ARG C 227 -7.70 6.65 -4.82
CA ARG C 227 -7.00 5.80 -5.79
C ARG C 227 -6.08 6.64 -6.68
N GLN C 228 -6.60 7.70 -7.29
CA GLN C 228 -5.76 8.62 -8.05
C GLN C 228 -4.91 9.49 -7.15
N ALA C 229 -5.48 9.94 -6.03
CA ALA C 229 -4.78 10.86 -5.15
C ALA C 229 -3.44 10.29 -4.72
N ILE C 230 -3.45 9.07 -4.16
CA ILE C 230 -2.18 8.54 -3.65
C ILE C 230 -1.25 8.17 -4.79
N THR C 231 -1.80 7.79 -5.95
CA THR C 231 -0.93 7.41 -7.06
C THR C 231 -0.14 8.62 -7.56
N LYS C 232 -0.82 9.74 -7.79
CA LYS C 232 -0.10 10.91 -8.27
C LYS C 232 0.89 11.43 -7.23
N GLU C 233 0.53 11.35 -5.94
CA GLU C 233 1.47 11.81 -4.92
C GLU C 233 2.80 11.07 -5.02
N VAL C 234 2.76 9.78 -5.35
CA VAL C 234 3.99 9.02 -5.54
C VAL C 234 4.71 9.46 -6.81
N LEU C 235 3.97 9.64 -7.91
CA LEU C 235 4.59 10.10 -9.15
C LEU C 235 5.19 11.49 -9.00
N LYS C 236 4.56 12.36 -8.21
CA LYS C 236 5.17 13.66 -7.97
C LYS C 236 6.43 13.53 -7.15
N GLN C 237 6.42 12.63 -6.16
CA GLN C 237 7.63 12.41 -5.37
C GLN C 237 8.77 11.94 -6.25
N GLU C 238 8.45 11.16 -7.27
CA GLU C 238 9.42 10.56 -8.16
C GLU C 238 9.75 11.46 -9.34
N LYS C 239 9.31 12.72 -9.32
CA LYS C 239 9.64 13.66 -10.38
C LYS C 239 9.05 13.23 -11.72
N ILE C 240 8.25 12.17 -11.72
CA ILE C 240 7.69 11.66 -12.98
C ILE C 240 6.70 12.66 -13.57
N ILE C 241 5.84 13.22 -12.73
CA ILE C 241 4.88 14.23 -13.17
C ILE C 241 5.11 15.50 -12.38
N PRO C 242 4.69 16.64 -12.91
CA PRO C 242 4.91 17.96 -12.30
C PRO C 242 4.23 18.09 -10.94
N GLU D 1 -29.29 25.38 -42.69
CA GLU D 1 -28.19 24.43 -42.67
C GLU D 1 -26.95 25.04 -42.02
N TRP D 2 -26.65 26.29 -42.37
CA TRP D 2 -25.47 27.01 -41.87
C TRP D 2 -25.92 28.28 -41.17
N GLN D 3 -25.94 28.24 -39.84
CA GLN D 3 -26.40 29.34 -39.00
C GLN D 3 -25.22 30.21 -38.62
N GLU D 4 -25.45 31.52 -38.60
CA GLU D 4 -24.41 32.50 -38.27
C GLU D 4 -24.67 33.08 -36.89
N ASN D 5 -23.64 33.08 -36.05
CA ASN D 5 -23.72 33.59 -34.70
C ASN D 5 -22.80 34.80 -34.64
N LYS D 6 -23.38 36.00 -34.71
CA LYS D 6 -22.61 37.23 -34.55
C LYS D 6 -22.26 37.50 -33.10
N SER D 7 -22.99 36.90 -32.14
CA SER D 7 -22.70 37.14 -30.73
C SER D 7 -21.34 36.60 -30.32
N TRP D 8 -20.75 35.70 -31.11
CA TRP D 8 -19.41 35.21 -30.81
C TRP D 8 -18.37 36.30 -30.92
N ASN D 9 -18.52 37.20 -31.90
CA ASN D 9 -17.52 38.23 -32.20
C ASN D 9 -17.11 39.00 -30.96
N VAL D 10 -17.88 38.87 -29.88
CA VAL D 10 -17.48 39.41 -28.58
C VAL D 10 -16.06 38.94 -28.27
N HIS D 11 -15.87 37.63 -28.18
CA HIS D 11 -14.61 37.08 -27.69
C HIS D 11 -13.43 37.51 -28.56
N PHE D 12 -13.66 37.67 -29.87
CA PHE D 12 -12.58 38.19 -30.72
C PHE D 12 -12.21 39.61 -30.34
N THR D 13 -13.21 40.43 -29.98
CA THR D 13 -13.00 41.86 -29.86
C THR D 13 -12.12 42.20 -28.65
N GLU D 14 -12.53 41.79 -27.45
CA GLU D 14 -11.82 42.16 -26.23
C GLU D 14 -10.51 41.42 -26.07
N HIS D 15 -10.07 40.71 -27.11
CA HIS D 15 -8.67 40.32 -27.24
C HIS D 15 -7.99 41.11 -28.33
N LYS D 16 -8.67 42.10 -28.90
CA LYS D 16 -8.13 43.01 -29.90
C LYS D 16 -7.41 42.25 -31.02
N SER D 17 -8.21 41.47 -31.74
CA SER D 17 -7.78 40.82 -32.98
C SER D 17 -9.00 40.16 -33.60
N GLN D 18 -9.02 40.10 -34.92
CA GLN D 18 -10.16 39.57 -35.66
C GLN D 18 -9.95 38.08 -35.95
N GLY D 19 -10.94 37.47 -36.57
CA GLY D 19 -10.88 36.07 -36.93
C GLY D 19 -12.28 35.53 -37.19
N VAL D 20 -12.37 34.19 -37.19
CA VAL D 20 -13.64 33.47 -37.25
C VAL D 20 -13.48 32.17 -36.48
N VAL D 21 -14.56 31.72 -35.84
CA VAL D 21 -14.63 30.37 -35.29
C VAL D 21 -15.87 29.71 -35.84
N VAL D 22 -15.76 28.41 -36.12
CA VAL D 22 -16.78 27.67 -36.85
C VAL D 22 -17.04 26.34 -36.14
N LEU D 23 -18.30 26.04 -35.86
CA LEU D 23 -18.71 24.85 -35.12
C LEU D 23 -19.55 23.93 -35.98
N TRP D 24 -19.45 22.63 -35.71
CA TRP D 24 -20.29 21.63 -36.37
C TRP D 24 -20.82 20.64 -35.32
N ASN D 25 -22.13 20.71 -35.05
CA ASN D 25 -22.84 19.76 -34.19
C ASN D 25 -23.01 18.45 -34.95
N GLU D 26 -22.20 17.44 -34.61
CA GLU D 26 -22.17 16.22 -35.43
C GLU D 26 -23.52 15.52 -35.45
N ASN D 27 -24.16 15.38 -34.28
CA ASN D 27 -25.39 14.58 -34.22
C ASN D 27 -26.51 15.23 -35.03
N GLU D 28 -26.63 16.55 -34.97
CA GLU D 28 -27.72 17.26 -35.63
C GLU D 28 -27.28 18.04 -36.88
N GLN D 29 -26.04 17.83 -37.34
CA GLN D 29 -25.62 18.24 -38.69
C GLN D 29 -25.90 19.73 -38.97
N GLN D 30 -25.62 20.58 -38.00
CA GLN D 30 -25.78 22.02 -38.17
C GLN D 30 -24.50 22.71 -37.74
N GLY D 31 -23.94 23.53 -38.62
CA GLY D 31 -22.77 24.29 -38.29
C GLY D 31 -23.11 25.71 -37.84
N PHE D 32 -22.27 26.23 -36.94
CA PHE D 32 -22.40 27.59 -36.44
C PHE D 32 -21.14 28.37 -36.83
N THR D 33 -21.25 29.69 -36.76
CA THR D 33 -20.07 30.50 -37.08
C THR D 33 -20.38 31.97 -36.77
N ASN D 34 -19.33 32.68 -36.34
CA ASN D 34 -19.39 34.11 -36.11
C ASN D 34 -19.12 34.94 -37.36
N ASN D 35 -18.59 34.32 -38.41
CA ASN D 35 -18.15 35.05 -39.61
C ASN D 35 -18.21 34.07 -40.78
N LEU D 36 -19.30 34.13 -41.56
CA LEU D 36 -19.54 33.08 -42.55
C LEU D 36 -18.67 33.24 -43.79
N LYS D 37 -18.54 34.47 -44.30
CA LYS D 37 -17.63 34.71 -45.41
C LYS D 37 -16.19 34.41 -45.01
N ARG D 38 -15.81 34.81 -43.80
CA ARG D 38 -14.50 34.45 -43.27
C ARG D 38 -14.39 32.93 -43.11
N ALA D 39 -15.48 32.30 -42.65
CA ALA D 39 -15.47 30.85 -42.48
C ALA D 39 -15.13 30.16 -43.79
N ASN D 40 -15.68 30.66 -44.90
CA ASN D 40 -15.38 30.13 -46.23
C ASN D 40 -14.15 30.73 -46.86
N GLN D 41 -13.45 31.62 -46.15
CA GLN D 41 -12.17 32.12 -46.63
C GLN D 41 -11.10 31.04 -46.52
N ALA D 42 -10.38 30.82 -47.62
CA ALA D 42 -9.42 29.71 -47.74
C ALA D 42 -8.00 30.25 -47.57
N PHE D 43 -7.34 29.87 -46.48
CA PHE D 43 -6.01 30.35 -46.15
C PHE D 43 -5.00 29.24 -46.37
N LEU D 44 -3.77 29.52 -46.08
CA LEU D 44 -2.83 28.42 -46.03
C LEU D 44 -3.00 27.66 -44.72
N PRO D 45 -2.63 26.37 -44.70
CA PRO D 45 -2.87 25.52 -43.52
C PRO D 45 -1.71 25.37 -42.53
N ALA D 46 -0.70 26.24 -42.52
CA ALA D 46 0.67 25.76 -42.37
C ALA D 46 0.86 24.48 -41.54
N SER D 47 0.60 24.46 -40.25
CA SER D 47 0.88 23.19 -39.56
C SER D 47 -0.33 22.28 -39.48
N THR D 48 -1.50 22.76 -39.87
CA THR D 48 -2.73 22.00 -39.82
C THR D 48 -2.88 21.00 -40.96
N LEU D 49 -1.88 20.89 -41.82
CA LEU D 49 -1.80 19.76 -42.72
C LEU D 49 -0.69 18.80 -42.33
N LYS D 50 -0.09 18.98 -41.16
CA LYS D 50 0.63 17.85 -40.56
C LYS D 50 -0.31 16.69 -40.32
N ILE D 51 -1.62 16.95 -40.25
CA ILE D 51 -2.61 15.88 -40.10
C ILE D 51 -2.67 15.02 -41.36
N PRO D 52 -3.01 15.59 -42.52
CA PRO D 52 -2.95 14.81 -43.77
C PRO D 52 -1.55 14.30 -44.09
N ASN D 53 -0.51 15.06 -43.75
CA ASN D 53 0.85 14.61 -44.05
C ASN D 53 1.16 13.31 -43.30
N SER D 54 0.82 13.27 -42.01
CA SER D 54 1.10 12.09 -41.21
C SER D 54 0.25 10.92 -41.68
N LEU D 55 -0.96 11.19 -42.20
CA LEU D 55 -1.74 10.17 -42.88
C LEU D 55 -0.95 9.61 -44.06
N ILE D 56 -0.50 10.51 -44.95
CA ILE D 56 0.25 10.09 -46.13
C ILE D 56 1.49 9.30 -45.71
N ALA D 57 2.19 9.78 -44.67
CA ALA D 57 3.48 9.20 -44.32
C ALA D 57 3.33 7.82 -43.66
N LEU D 58 2.35 7.66 -42.76
CA LEU D 58 2.08 6.34 -42.20
C LEU D 58 1.61 5.38 -43.27
N ASP D 59 0.65 5.81 -44.09
CA ASP D 59 0.03 4.89 -45.04
C ASP D 59 0.98 4.47 -46.15
N LEU D 60 2.01 5.27 -46.43
CA LEU D 60 3.05 4.82 -47.34
C LEU D 60 4.13 4.04 -46.61
N GLY D 61 4.07 3.97 -45.28
CA GLY D 61 5.10 3.30 -44.53
C GLY D 61 6.38 4.08 -44.38
N VAL D 62 6.37 5.38 -44.67
CA VAL D 62 7.54 6.21 -44.38
C VAL D 62 7.77 6.24 -42.88
N VAL D 63 6.70 6.37 -42.12
CA VAL D 63 6.70 6.16 -40.67
C VAL D 63 6.04 4.81 -40.43
N LYS D 64 6.77 3.90 -39.77
CA LYS D 64 6.20 2.61 -39.40
C LYS D 64 5.06 2.80 -38.40
N ASP D 65 5.38 3.43 -37.27
CA ASP D 65 4.48 3.56 -36.12
C ASP D 65 4.78 4.88 -35.44
N GLU D 66 4.03 5.16 -34.38
CA GLU D 66 4.18 6.39 -33.63
C GLU D 66 5.33 6.34 -32.63
N HIS D 67 6.04 5.23 -32.54
CA HIS D 67 7.18 5.11 -31.66
C HIS D 67 8.49 5.23 -32.39
N GLN D 68 8.50 5.02 -33.70
CA GLN D 68 9.72 5.19 -34.46
C GLN D 68 10.31 6.58 -34.24
N VAL D 69 11.64 6.65 -34.07
CA VAL D 69 12.33 7.88 -33.69
C VAL D 69 13.05 8.46 -34.90
N PHE D 70 12.94 9.77 -35.03
CA PHE D 70 13.55 10.51 -36.11
C PHE D 70 14.70 11.29 -35.50
N LYS D 71 15.90 10.75 -35.65
CA LYS D 71 17.08 11.37 -35.06
C LYS D 71 17.21 12.81 -35.54
N TRP D 72 17.48 13.71 -34.59
CA TRP D 72 17.67 15.11 -34.93
C TRP D 72 18.98 15.27 -35.67
N ASP D 73 18.96 16.08 -36.73
CA ASP D 73 20.07 16.11 -37.66
C ASP D 73 21.28 16.87 -37.16
N GLY D 74 21.20 17.48 -35.98
CA GLY D 74 22.33 18.18 -35.42
C GLY D 74 22.45 19.64 -35.79
N GLN D 75 21.54 20.16 -36.62
CA GLN D 75 21.52 21.57 -36.99
C GLN D 75 20.65 22.33 -35.99
N THR D 76 21.30 23.14 -35.14
CA THR D 76 20.55 23.93 -34.15
C THR D 76 19.67 24.98 -34.82
N ARG D 77 18.40 24.99 -34.43
CA ARG D 77 17.38 25.90 -34.94
C ARG D 77 16.80 26.75 -33.81
N ASP D 78 15.90 27.65 -34.17
CA ASP D 78 15.43 28.69 -33.27
C ASP D 78 14.29 28.23 -32.38
N ILE D 79 13.99 26.94 -32.34
CA ILE D 79 12.98 26.36 -31.46
C ILE D 79 13.62 25.12 -30.84
N ALA D 80 13.96 25.20 -29.55
CA ALA D 80 14.76 24.17 -28.93
C ALA D 80 13.99 22.86 -28.67
N THR D 81 12.65 22.88 -28.71
CA THR D 81 11.96 21.60 -28.72
C THR D 81 12.19 20.85 -30.02
N TRP D 82 12.79 21.50 -31.02
CA TRP D 82 13.11 20.88 -32.30
C TRP D 82 14.46 20.18 -32.31
N ASN D 83 15.40 20.62 -31.49
CA ASN D 83 16.78 20.11 -31.54
C ASN D 83 16.85 18.79 -30.77
N ARG D 84 16.12 17.80 -31.28
CA ARG D 84 15.85 16.60 -30.49
C ARG D 84 15.51 15.41 -31.37
N ASP D 85 15.71 14.23 -30.82
CA ASP D 85 15.03 13.06 -31.35
C ASP D 85 13.54 13.22 -31.15
N HIS D 86 12.77 12.64 -32.07
CA HIS D 86 11.32 12.72 -31.98
C HIS D 86 10.70 11.49 -32.58
N ASN D 87 9.47 11.23 -32.17
CA ASN D 87 8.60 10.31 -32.87
C ASN D 87 7.37 11.09 -33.30
N LEU D 88 6.37 10.35 -33.81
CA LEU D 88 5.20 11.00 -34.41
C LEU D 88 4.46 11.86 -33.39
N ILE D 89 4.41 11.42 -32.13
CA ILE D 89 3.68 12.16 -31.10
C ILE D 89 4.45 13.41 -30.72
N THR D 90 5.69 13.23 -30.27
CA THR D 90 6.45 14.41 -29.89
C THR D 90 6.60 15.33 -31.05
N ALA D 91 6.86 14.76 -32.23
CA ALA D 91 7.06 15.57 -33.43
C ALA D 91 5.81 16.38 -33.75
N MET D 92 4.65 15.74 -33.71
CA MET D 92 3.41 16.47 -33.92
C MET D 92 3.14 17.45 -32.78
N LYS D 93 3.52 17.09 -31.55
CA LYS D 93 3.22 17.96 -30.42
C LYS D 93 3.90 19.30 -30.58
N TYR D 94 5.18 19.31 -30.97
CA TYR D 94 5.97 20.53 -31.06
C TYR D 94 6.12 21.06 -32.49
N SER D 95 5.36 20.51 -33.44
CA SER D 95 5.34 20.99 -34.83
C SER D 95 6.72 20.93 -35.46
N VAL D 96 7.43 19.81 -35.28
CA VAL D 96 8.84 19.79 -35.65
C VAL D 96 8.93 19.72 -37.16
N VAL D 97 9.12 20.87 -37.78
CA VAL D 97 9.15 20.92 -39.24
C VAL D 97 10.30 20.11 -39.82
N PRO D 98 11.55 20.21 -39.35
CA PRO D 98 12.62 19.41 -39.94
C PRO D 98 12.29 17.94 -40.06
N VAL D 99 11.51 17.40 -39.12
CA VAL D 99 11.05 16.02 -39.19
C VAL D 99 10.08 15.84 -40.33
N TYR D 100 9.10 16.73 -40.43
CA TYR D 100 8.10 16.58 -41.47
C TYR D 100 8.71 16.80 -42.84
N GLN D 101 9.61 17.78 -42.96
CA GLN D 101 10.32 18.02 -44.21
C GLN D 101 11.01 16.77 -44.71
N GLU D 102 11.57 15.97 -43.79
CA GLU D 102 12.16 14.70 -44.19
C GLU D 102 11.09 13.71 -44.69
N PHE D 103 9.90 13.72 -44.09
CA PHE D 103 8.81 12.91 -44.67
C PHE D 103 8.54 13.33 -46.11
N ALA D 104 8.44 14.64 -46.37
CA ALA D 104 8.10 15.11 -47.71
C ALA D 104 9.13 14.65 -48.72
N ARG D 105 10.41 14.63 -48.32
CA ARG D 105 11.46 14.23 -49.23
C ARG D 105 11.40 12.74 -49.50
N GLN D 106 11.03 11.94 -48.50
CA GLN D 106 10.81 10.52 -48.73
C GLN D 106 9.72 10.28 -49.75
N ILE D 107 8.61 11.02 -49.62
CA ILE D 107 7.43 10.83 -50.45
C ILE D 107 7.55 11.56 -51.78
N GLY D 108 8.09 12.77 -51.75
CA GLY D 108 8.23 13.50 -52.99
C GLY D 108 6.94 14.23 -53.28
N GLU D 109 7.05 15.39 -53.94
CA GLU D 109 5.86 16.21 -54.12
C GLU D 109 4.75 15.43 -54.82
N ALA D 110 5.09 14.52 -55.76
CA ALA D 110 4.07 13.93 -56.61
C ALA D 110 3.08 13.08 -55.82
N ARG D 111 3.57 12.11 -55.03
CA ARG D 111 2.65 11.27 -54.25
C ARG D 111 1.89 12.08 -53.22
N MET D 112 2.60 12.95 -52.50
CA MET D 112 1.97 13.93 -51.63
C MET D 112 0.76 14.59 -52.27
N SER D 113 0.89 15.11 -53.50
CA SER D 113 -0.19 15.89 -54.11
C SER D 113 -1.38 15.02 -54.48
N LYS D 114 -1.15 13.80 -54.96
CA LYS D 114 -2.26 12.87 -55.19
C LYS D 114 -3.03 12.60 -53.89
N MET D 115 -2.31 12.23 -52.84
CA MET D 115 -2.95 11.93 -51.56
C MET D 115 -3.69 13.13 -51.01
N LEU D 116 -3.09 14.31 -51.13
CA LEU D 116 -3.79 15.51 -50.71
C LEU D 116 -5.05 15.69 -51.51
N HIS D 117 -5.00 15.39 -52.81
CA HIS D 117 -6.19 15.51 -53.64
C HIS D 117 -7.20 14.41 -53.39
N ALA D 118 -6.74 13.20 -53.05
CA ALA D 118 -7.66 12.14 -52.66
C ALA D 118 -8.45 12.54 -51.43
N PHE D 119 -7.83 13.26 -50.49
CA PHE D 119 -8.49 13.75 -49.28
C PHE D 119 -9.46 14.89 -49.56
N ASP D 120 -9.56 15.34 -50.82
CA ASP D 120 -10.39 16.48 -51.16
C ASP D 120 -9.99 17.69 -50.31
N TYR D 121 -8.70 17.80 -50.04
CA TYR D 121 -8.25 18.70 -49.01
C TYR D 121 -8.54 20.17 -49.29
N GLY D 122 -7.81 20.81 -50.18
CA GLY D 122 -7.99 22.25 -50.31
C GLY D 122 -8.47 22.80 -51.65
N ASN D 123 -8.00 22.21 -52.75
CA ASN D 123 -8.23 22.74 -54.09
C ASN D 123 -8.53 21.62 -55.08
N ILE D 139 -2.33 25.89 -52.95
CA ILE D 139 -2.57 24.95 -51.87
C ILE D 139 -3.27 25.57 -50.64
N ARG D 140 -4.53 25.99 -50.79
CA ARG D 140 -5.23 26.76 -49.77
C ARG D 140 -6.52 26.08 -49.34
N ILE D 141 -6.79 26.10 -48.03
CA ILE D 141 -7.98 25.50 -47.44
C ILE D 141 -8.62 26.50 -46.49
N SER D 142 -9.95 26.53 -46.47
CA SER D 142 -10.72 27.38 -45.56
C SER D 142 -11.00 26.67 -44.23
N ALA D 143 -11.46 27.47 -43.24
CA ALA D 143 -11.84 26.90 -41.96
C ALA D 143 -12.97 25.89 -42.12
N THR D 144 -13.97 26.22 -42.95
CA THR D 144 -15.06 25.28 -43.17
C THR D 144 -14.55 23.99 -43.79
N GLU D 145 -13.78 24.08 -44.88
CA GLU D 145 -13.26 22.88 -45.54
C GLU D 145 -12.48 21.98 -44.57
N GLN D 146 -11.83 22.57 -43.56
CA GLN D 146 -11.10 21.76 -42.59
C GLN D 146 -12.05 20.84 -41.84
N ILE D 147 -13.28 21.28 -41.62
CA ILE D 147 -14.24 20.44 -40.90
C ILE D 147 -14.64 19.24 -41.76
N SER D 148 -14.96 19.49 -43.05
CA SER D 148 -15.33 18.38 -43.91
C SER D 148 -14.27 17.30 -43.94
N PHE D 149 -13.00 17.69 -43.82
CA PHE D 149 -11.91 16.72 -43.78
C PHE D 149 -11.72 16.11 -42.39
N LEU D 150 -11.87 16.90 -41.34
CA LEU D 150 -11.80 16.34 -40.00
C LEU D 150 -12.91 15.32 -39.78
N ARG D 151 -14.09 15.61 -40.31
CA ARG D 151 -15.22 14.67 -40.19
C ARG D 151 -14.92 13.32 -40.84
N LYS D 152 -14.30 13.32 -42.04
CA LYS D 152 -13.93 12.06 -42.70
C LYS D 152 -12.91 11.27 -41.91
N LEU D 153 -12.01 11.96 -41.20
CA LEU D 153 -10.98 11.29 -40.43
C LEU D 153 -11.57 10.63 -39.20
N TYR D 154 -12.45 11.37 -38.50
CA TYR D 154 -13.09 10.87 -37.29
C TYR D 154 -13.95 9.65 -37.58
N HIS D 155 -14.58 9.62 -38.76
CA HIS D 155 -15.38 8.48 -39.18
C HIS D 155 -14.58 7.46 -39.96
N ASN D 156 -13.25 7.58 -39.97
CA ASN D 156 -12.40 6.58 -40.61
C ASN D 156 -12.62 6.50 -42.12
N LYS D 157 -13.08 7.60 -42.74
CA LYS D 157 -13.53 7.57 -44.13
C LYS D 157 -12.52 8.16 -45.13
N LEU D 158 -11.40 8.71 -44.67
CA LEU D 158 -10.38 9.12 -45.63
C LEU D 158 -9.78 7.88 -46.29
N HIS D 159 -9.36 8.06 -47.55
CA HIS D 159 -8.89 6.95 -48.38
C HIS D 159 -7.51 6.52 -47.95
N VAL D 160 -7.39 6.08 -46.70
CA VAL D 160 -6.19 5.47 -46.16
C VAL D 160 -6.65 4.39 -45.20
N SER D 161 -5.70 3.54 -44.76
CA SER D 161 -6.05 2.49 -43.83
C SER D 161 -6.70 3.10 -42.59
N GLU D 162 -7.65 2.38 -42.01
CA GLU D 162 -8.15 2.76 -40.70
C GLU D 162 -7.00 2.95 -39.74
N ARG D 163 -6.02 2.05 -39.79
CA ARG D 163 -4.85 2.13 -38.93
C ARG D 163 -4.19 3.49 -38.99
N SER D 164 -3.92 3.97 -40.21
CA SER D 164 -3.32 5.30 -40.37
C SER D 164 -4.21 6.36 -39.72
N GLN D 165 -5.53 6.26 -39.91
CA GLN D 165 -6.44 7.26 -39.36
C GLN D 165 -6.50 7.18 -37.83
N ARG D 166 -6.56 5.97 -37.27
CA ARG D 166 -6.50 5.86 -35.81
C ARG D 166 -5.20 6.44 -35.26
N ILE D 167 -4.07 6.18 -35.92
CA ILE D 167 -2.78 6.59 -35.38
C ILE D 167 -2.67 8.11 -35.41
N VAL D 168 -3.04 8.73 -36.53
CA VAL D 168 -3.04 10.18 -36.59
C VAL D 168 -3.96 10.75 -35.51
N LYS D 169 -5.10 10.10 -35.27
CA LYS D 169 -6.04 10.64 -34.31
C LYS D 169 -5.50 10.56 -32.88
N GLN D 170 -4.66 9.57 -32.60
CA GLN D 170 -3.96 9.52 -31.31
C GLN D 170 -2.93 10.65 -31.20
N ALA D 171 -2.13 10.84 -32.24
CA ALA D 171 -1.12 11.88 -32.25
C ALA D 171 -1.74 13.27 -32.12
N MET D 172 -3.03 13.41 -32.43
CA MET D 172 -3.72 14.68 -32.33
C MET D 172 -4.18 14.96 -30.90
N LEU D 173 -4.36 13.89 -30.12
CA LEU D 173 -4.73 14.01 -28.71
C LEU D 173 -3.99 15.18 -28.08
N THR D 174 -4.78 16.07 -27.48
CA THR D 174 -4.31 17.36 -26.96
C THR D 174 -4.61 17.55 -25.49
N GLU D 175 -5.85 17.30 -25.10
CA GLU D 175 -6.27 17.41 -23.72
C GLU D 175 -7.40 16.42 -23.49
N ALA D 176 -7.58 16.01 -22.23
CA ALA D 176 -8.63 15.09 -21.87
C ALA D 176 -8.82 15.05 -20.36
N ASN D 177 -10.08 15.11 -19.94
CA ASN D 177 -10.45 14.94 -18.54
C ASN D 177 -11.80 14.25 -18.51
N GLY D 178 -12.47 14.32 -17.36
CA GLY D 178 -13.81 13.75 -17.25
C GLY D 178 -14.84 14.46 -18.12
N ASP D 179 -14.56 15.69 -18.54
CA ASP D 179 -15.56 16.49 -19.25
C ASP D 179 -15.55 16.28 -20.76
N TYR D 180 -14.37 16.11 -21.36
CA TYR D 180 -14.23 16.26 -22.81
C TYR D 180 -12.82 15.88 -23.24
N ILE D 181 -12.74 15.34 -24.45
CA ILE D 181 -11.48 15.02 -25.11
C ILE D 181 -11.33 15.98 -26.28
N ILE D 182 -10.12 16.52 -26.47
CA ILE D 182 -9.82 17.36 -27.62
C ILE D 182 -8.66 16.73 -28.37
N ARG D 183 -8.95 16.23 -29.56
CA ARG D 183 -7.92 15.94 -30.54
C ARG D 183 -7.88 17.13 -31.50
N ALA D 184 -6.71 17.77 -31.60
CA ALA D 184 -6.61 19.06 -32.27
C ALA D 184 -5.21 19.21 -32.87
N LYS D 185 -5.00 20.37 -33.53
CA LYS D 185 -3.72 20.71 -34.12
C LYS D 185 -3.68 22.23 -34.35
N THR D 186 -2.55 22.86 -34.02
CA THR D 186 -2.33 24.29 -34.25
C THR D 186 -1.52 24.52 -35.52
N GLY D 187 -1.62 25.72 -36.03
CA GLY D 187 -0.76 26.17 -37.11
C GLY D 187 -0.42 27.63 -36.93
N TYR D 188 0.74 28.02 -37.47
CA TYR D 188 1.20 29.40 -37.40
C TYR D 188 1.89 29.73 -38.71
N ALA D 189 1.33 30.69 -39.46
CA ALA D 189 1.86 31.09 -40.76
C ALA D 189 2.43 32.52 -40.65
N ALA D 190 3.74 32.64 -40.72
CA ALA D 190 4.38 33.94 -40.57
C ALA D 190 5.09 34.38 -41.85
N ARG D 191 4.43 34.21 -43.01
CA ARG D 191 5.04 34.52 -44.30
C ARG D 191 4.38 35.66 -45.09
N ILE D 192 3.21 36.15 -44.68
CA ILE D 192 2.38 37.02 -45.52
C ILE D 192 1.94 38.25 -44.73
N GLU D 193 1.20 39.11 -45.43
CA GLU D 193 0.46 40.21 -44.85
C GLU D 193 -1.02 39.85 -44.86
N PRO D 194 -1.62 39.49 -43.71
CA PRO D 194 -1.07 39.35 -42.37
C PRO D 194 -0.78 37.89 -41.94
N LYS D 195 -0.05 37.74 -40.85
CA LYS D 195 0.20 36.43 -40.25
C LYS D 195 -1.09 35.92 -39.59
N ILE D 196 -1.46 34.66 -39.86
CA ILE D 196 -2.74 34.11 -39.44
C ILE D 196 -2.51 32.80 -38.69
N GLY D 197 -3.19 32.64 -37.56
CA GLY D 197 -3.02 31.49 -36.69
C GLY D 197 -4.21 30.55 -36.81
N TRP D 198 -3.93 29.24 -36.91
CA TRP D 198 -4.96 28.22 -37.05
C TRP D 198 -5.22 27.50 -35.73
N TRP D 199 -6.39 26.88 -35.65
CA TRP D 199 -6.56 25.76 -34.73
C TRP D 199 -7.82 24.97 -35.09
N VAL D 200 -7.66 23.71 -35.52
CA VAL D 200 -8.77 22.89 -36.03
C VAL D 200 -8.88 21.60 -35.21
N GLY D 201 -10.00 20.88 -35.39
CA GLY D 201 -10.18 19.58 -34.75
C GLY D 201 -11.58 19.26 -34.24
N TRP D 202 -11.68 18.47 -33.16
CA TRP D 202 -13.00 18.17 -32.61
C TRP D 202 -12.93 17.93 -31.10
N VAL D 203 -14.01 18.29 -30.41
CA VAL D 203 -14.22 17.95 -29.01
C VAL D 203 -15.20 16.78 -28.92
N GLU D 204 -14.84 15.75 -28.18
CA GLU D 204 -15.68 14.57 -27.99
C GLU D 204 -16.39 14.65 -26.63
N LEU D 205 -17.68 14.32 -26.63
CA LEU D 205 -18.48 14.31 -25.43
C LEU D 205 -19.02 12.90 -25.18
N ASP D 206 -19.81 12.75 -24.12
CA ASP D 206 -20.34 11.42 -23.83
C ASP D 206 -21.23 10.92 -24.96
N ASP D 207 -22.00 11.82 -25.57
CA ASP D 207 -22.99 11.39 -26.55
C ASP D 207 -23.05 12.29 -27.78
N ASN D 208 -22.22 13.32 -27.87
CA ASN D 208 -22.10 14.13 -29.06
C ASN D 208 -20.63 14.26 -29.41
N VAL D 209 -20.37 14.83 -30.57
CA VAL D 209 -19.03 15.18 -31.01
C VAL D 209 -19.15 16.49 -31.79
N TRP D 210 -18.34 17.48 -31.42
CA TRP D 210 -18.40 18.82 -31.99
C TRP D 210 -17.09 19.12 -32.73
N PHE D 211 -17.14 19.23 -34.05
CA PHE D 211 -15.98 19.64 -34.81
C PHE D 211 -15.81 21.15 -34.73
N PHE D 212 -14.56 21.61 -34.68
CA PHE D 212 -14.28 23.04 -34.67
C PHE D 212 -13.18 23.34 -35.68
N ALA D 213 -13.28 24.52 -36.29
CA ALA D 213 -12.18 25.06 -37.08
C ALA D 213 -12.22 26.58 -36.92
N MET D 214 -11.12 27.15 -36.45
CA MET D 214 -10.98 28.59 -36.30
C MET D 214 -9.66 29.04 -36.88
N ASN D 215 -9.68 30.04 -37.75
CA ASN D 215 -8.47 30.77 -38.09
C ASN D 215 -8.58 32.22 -37.60
N MET D 216 -7.42 32.83 -37.44
CA MET D 216 -7.32 34.04 -36.62
C MET D 216 -6.45 35.02 -37.36
N ASP D 217 -5.95 36.01 -36.63
CA ASP D 217 -5.13 37.08 -37.21
C ASP D 217 -3.96 37.39 -36.28
N MET D 218 -3.22 36.36 -35.90
CA MET D 218 -2.06 36.52 -35.03
C MET D 218 -1.06 37.51 -35.62
N PRO D 219 -0.99 38.75 -35.10
CA PRO D 219 -0.14 39.78 -35.71
C PRO D 219 1.33 39.70 -35.29
N THR D 220 1.55 39.32 -34.04
CA THR D 220 2.86 38.92 -33.56
C THR D 220 2.74 37.49 -33.02
N SER D 221 3.87 36.92 -32.63
CA SER D 221 3.90 35.55 -32.13
C SER D 221 3.58 35.45 -30.65
N ASP D 222 3.40 36.60 -29.97
CA ASP D 222 3.07 36.55 -28.54
C ASP D 222 1.73 35.86 -28.28
N GLY D 223 0.72 36.16 -29.09
CA GLY D 223 -0.64 35.72 -28.86
C GLY D 223 -0.87 34.24 -28.97
N LEU D 224 0.02 33.51 -29.65
CA LEU D 224 -0.27 32.15 -30.10
C LEU D 224 -1.28 31.41 -29.24
N GLY D 225 -1.06 31.36 -27.92
CA GLY D 225 -2.05 30.73 -27.05
C GLY D 225 -3.44 31.37 -27.11
N LEU D 226 -3.55 32.52 -27.77
CA LEU D 226 -4.87 33.14 -27.95
C LEU D 226 -5.72 32.36 -28.94
N ARG D 227 -5.12 31.72 -29.95
CA ARG D 227 -5.95 30.94 -30.85
C ARG D 227 -6.63 29.76 -30.16
N GLN D 228 -6.21 29.36 -28.96
CA GLN D 228 -6.98 28.40 -28.17
C GLN D 228 -7.93 29.10 -27.20
N ALA D 229 -7.39 29.93 -26.31
CA ALA D 229 -8.22 30.55 -25.28
C ALA D 229 -9.44 31.21 -25.91
N ILE D 230 -9.26 31.84 -27.06
CA ILE D 230 -10.38 32.47 -27.76
C ILE D 230 -11.37 31.41 -28.23
N THR D 231 -10.87 30.30 -28.76
CA THR D 231 -11.76 29.21 -29.14
C THR D 231 -12.49 28.65 -27.92
N LYS D 232 -11.78 28.45 -26.82
CA LYS D 232 -12.39 27.86 -25.63
C LYS D 232 -13.54 28.72 -25.12
N GLU D 233 -13.37 30.05 -25.13
CA GLU D 233 -14.40 30.92 -24.58
C GLU D 233 -15.72 30.80 -25.36
N VAL D 234 -15.65 30.47 -26.65
CA VAL D 234 -16.87 30.13 -27.38
C VAL D 234 -17.46 28.81 -26.90
N LEU D 235 -16.61 27.89 -26.47
CA LEU D 235 -17.08 26.59 -26.00
C LEU D 235 -17.70 26.71 -24.63
N LYS D 236 -16.99 27.31 -23.68
CA LYS D 236 -17.57 27.56 -22.37
C LYS D 236 -18.86 28.37 -22.51
N GLN D 237 -18.94 29.19 -23.55
CA GLN D 237 -20.11 30.01 -23.82
C GLN D 237 -21.27 29.20 -24.37
N GLU D 238 -21.05 28.50 -25.49
CA GLU D 238 -22.11 27.74 -26.14
C GLU D 238 -22.52 26.57 -25.28
N LYS D 239 -21.93 26.46 -24.08
CA LYS D 239 -22.22 25.38 -23.14
C LYS D 239 -21.67 24.05 -23.68
N ILE D 240 -20.51 24.11 -24.33
CA ILE D 240 -19.80 22.92 -24.80
C ILE D 240 -18.71 22.45 -23.84
N ILE D 241 -18.17 23.35 -23.02
CA ILE D 241 -17.26 22.99 -21.93
C ILE D 241 -17.66 23.75 -20.67
N PRO D 242 -17.24 23.24 -19.50
CA PRO D 242 -17.48 23.91 -18.21
C PRO D 242 -16.40 24.93 -17.82
#